data_2HQM
#
_entry.id   2HQM
#
_cell.length_a   116.966
_cell.length_b   116.966
_cell.length_c   85.242
_cell.angle_alpha   90.00
_cell.angle_beta   90.00
_cell.angle_gamma   90.00
#
_symmetry.space_group_name_H-M   'P 42'
#
loop_
_entity.id
_entity.type
_entity.pdbx_description
1 polymer 'Glutathione reductase'
2 non-polymer 2-acetamido-2-deoxy-beta-D-glucopyranose
3 non-polymer 'PHOSPHATE ION'
4 non-polymer 'FLAVIN-ADENINE DINUCLEOTIDE'
5 non-polymer GLUTATHIONE
6 non-polymer GLYCEROL
7 water water
#
_entity_poly.entity_id   1
_entity_poly.type   'polypeptide(L)'
_entity_poly.pdbx_seq_one_letter_code
;YVEFMSTNTKHYDYLVIGGGSGGVASARRAASYGAKTLLVEAKALGGTCVNVGCVPKKVMWYASDLATRVSHANEYGLYQ
NLPLDKEHLTFNWPEFKQKRDAYVHRLNGIYQKNLEKEKVDVVFGWARFNKDGNVEVQKRDNTTEVYSANHILVATGGKA
IFPENIPGFELGTDSDGFFRLEEQPKKVVVVGAGYIGIELAGVFHGLGSETHLVIRGETVLRKFDECIQNTITDHYVKEG
INVHKLSKIVKVEKNVETDKLKIHMNDSKSIDDVDELIWTIGRKSHLGMGSENVGIKLNSHDQIIADEYQNTNVPNIYSL
GDVVGKVELTPVAIAAGRKLSNRLFGPEKFRNDKLDYENVPSVIFSHPEAGSIGISEKEAIEKYGKENIKVYNSKFTAMY
YAMLSEKSPTRYKIVCAGPNEKVVGLHIVGDSSAEILQGFGVAIKMGATKADFDNCVAIHPTSAEELVTMRGSHHHHHH
;
_entity_poly.pdbx_strand_id   A,B
#
loop_
_chem_comp.id
_chem_comp.type
_chem_comp.name
_chem_comp.formula
FAD non-polymer 'FLAVIN-ADENINE DINUCLEOTIDE' 'C27 H33 N9 O15 P2'
GOL non-polymer GLYCEROL 'C3 H8 O3'
GSH non-polymer GLUTATHIONE 'C10 H17 N3 O6 S'
NAG D-saccharide, beta linking 2-acetamido-2-deoxy-beta-D-glucopyranose 'C8 H15 N O6'
PO4 non-polymer 'PHOSPHATE ION' 'O4 P -3'
#
# COMPACT_ATOMS: atom_id res chain seq x y z
N LYS A 10 -19.71 44.33 2.16
CA LYS A 10 -18.49 44.74 1.44
C LYS A 10 -17.22 44.59 2.28
N HIS A 11 -17.36 44.44 3.60
CA HIS A 11 -16.20 44.23 4.46
C HIS A 11 -16.22 42.83 5.11
N TYR A 12 -15.05 42.19 5.17
CA TYR A 12 -14.92 40.85 5.70
C TYR A 12 -13.77 40.80 6.70
N ASP A 13 -13.74 39.72 7.47
CA ASP A 13 -12.64 39.45 8.35
C ASP A 13 -11.45 38.88 7.54
N TYR A 14 -11.76 38.03 6.57
CA TYR A 14 -10.77 37.31 5.78
C TYR A 14 -11.28 37.20 4.35
N LEU A 15 -10.44 37.60 3.42
CA LEU A 15 -10.72 37.47 2.02
C LEU A 15 -9.61 36.61 1.42
N VAL A 16 -10.02 35.56 0.73
CA VAL A 16 -9.09 34.62 0.11
C VAL A 16 -9.20 34.68 -1.41
N ILE A 17 -8.09 35.01 -2.07
CA ILE A 17 -7.99 35.01 -3.52
C ILE A 17 -7.47 33.67 -4.02
N GLY A 18 -8.37 32.89 -4.59
CA GLY A 18 -8.04 31.57 -5.14
C GLY A 18 -8.83 30.48 -4.45
N GLY A 19 -9.69 29.83 -5.20
CA GLY A 19 -10.46 28.73 -4.69
C GLY A 19 -9.82 27.37 -4.90
N GLY A 20 -8.52 27.26 -4.71
CA GLY A 20 -7.84 25.98 -4.85
C GLY A 20 -7.51 25.24 -3.54
N SER A 21 -6.52 24.36 -3.58
CA SER A 21 -6.18 23.57 -2.38
C SER A 21 -6.00 24.40 -1.12
N GLY A 22 -5.08 25.35 -1.16
CA GLY A 22 -4.79 26.20 -0.02
C GLY A 22 -5.91 27.16 0.31
N GLY A 23 -6.43 27.85 -0.71
CA GLY A 23 -7.49 28.80 -0.51
C GLY A 23 -8.72 28.19 0.14
N VAL A 24 -9.21 27.08 -0.41
CA VAL A 24 -10.39 26.44 0.13
C VAL A 24 -10.15 26.01 1.57
N ALA A 25 -9.06 25.30 1.83
CA ALA A 25 -8.73 24.83 3.19
C ALA A 25 -8.69 25.98 4.18
N SER A 26 -8.03 27.06 3.81
CA SER A 26 -7.81 28.20 4.69
C SER A 26 -9.12 28.90 5.00
N ALA A 27 -9.95 29.10 3.99
CA ALA A 27 -11.22 29.78 4.12
C ALA A 27 -12.11 29.03 5.09
N ARG A 28 -12.21 27.73 4.87
CA ARG A 28 -13.01 26.88 5.72
C ARG A 28 -12.55 26.88 7.17
N ARG A 29 -11.23 26.82 7.40
CA ARG A 29 -10.73 26.80 8.77
C ARG A 29 -11.05 28.14 9.45
N ALA A 30 -10.89 29.23 8.71
CA ALA A 30 -11.11 30.56 9.27
C ALA A 30 -12.58 30.70 9.64
N ALA A 31 -13.46 30.29 8.73
CA ALA A 31 -14.87 30.36 8.97
C ALA A 31 -15.30 29.45 10.13
N SER A 32 -14.60 28.33 10.33
CA SER A 32 -14.89 27.44 11.44
C SER A 32 -14.72 28.14 12.80
N TYR A 33 -13.84 29.12 12.85
CA TYR A 33 -13.54 29.87 14.05
C TYR A 33 -14.43 31.10 14.18
N GLY A 34 -15.36 31.27 13.26
CA GLY A 34 -16.23 32.42 13.26
C GLY A 34 -15.44 33.57 12.69
N ALA A 35 -15.51 33.72 11.40
CA ALA A 35 -14.84 34.80 10.73
C ALA A 35 -15.62 35.00 9.46
N LYS A 36 -16.09 36.22 9.24
CA LYS A 36 -16.79 36.54 8.00
C LYS A 36 -15.72 36.39 6.93
N THR A 37 -15.90 35.41 6.06
CA THR A 37 -14.91 35.06 5.06
C THR A 37 -15.44 35.11 3.64
N LEU A 38 -14.65 35.68 2.74
CA LEU A 38 -14.96 35.76 1.32
C LEU A 38 -13.90 34.99 0.54
N LEU A 39 -14.35 34.10 -0.35
CA LEU A 39 -13.46 33.32 -1.21
C LEU A 39 -13.77 33.69 -2.64
N VAL A 40 -12.74 34.08 -3.39
CA VAL A 40 -12.91 34.44 -4.80
C VAL A 40 -12.18 33.46 -5.73
N GLU A 41 -12.91 32.83 -6.64
CA GLU A 41 -12.37 31.86 -7.61
C GLU A 41 -12.77 32.25 -9.02
N ALA A 42 -11.79 32.31 -9.91
CA ALA A 42 -12.04 32.76 -11.27
C ALA A 42 -12.58 31.66 -12.18
N LYS A 43 -12.37 30.39 -11.81
CA LYS A 43 -12.80 29.26 -12.63
C LYS A 43 -13.63 28.26 -11.85
N ALA A 44 -12.99 27.22 -11.31
CA ALA A 44 -13.69 26.16 -10.61
C ALA A 44 -13.06 25.89 -9.26
N LEU A 45 -13.91 25.68 -8.26
CA LEU A 45 -13.45 25.35 -6.94
C LEU A 45 -12.68 24.02 -6.95
N GLY A 46 -11.65 23.94 -6.11
CA GLY A 46 -10.75 22.80 -6.05
C GLY A 46 -9.45 23.05 -6.76
N GLY A 47 -9.39 24.13 -7.52
CA GLY A 47 -8.15 24.55 -8.15
C GLY A 47 -7.51 23.55 -9.09
N THR A 48 -6.19 23.65 -9.20
CA THR A 48 -5.40 22.78 -10.04
C THR A 48 -5.57 21.29 -9.76
N CYS A 49 -5.50 20.91 -8.48
CA CYS A 49 -5.61 19.52 -8.07
C CYS A 49 -6.89 18.85 -8.55
N VAL A 50 -8.01 19.41 -8.16
CA VAL A 50 -9.30 18.84 -8.51
C VAL A 50 -9.60 18.87 -10.02
N ASN A 51 -9.29 19.98 -10.66
CA ASN A 51 -9.70 20.18 -12.06
C ASN A 51 -8.72 19.72 -13.10
N VAL A 52 -7.43 19.94 -12.87
CA VAL A 52 -6.41 19.62 -13.86
C VAL A 52 -5.11 19.12 -13.21
N GLY A 53 -5.27 18.37 -12.12
CA GLY A 53 -4.13 17.92 -11.34
C GLY A 53 -4.34 16.55 -10.74
N CYS A 54 -4.04 16.44 -9.45
CA CYS A 54 -4.08 15.17 -8.72
C CYS A 54 -5.26 14.26 -9.09
N VAL A 55 -6.46 14.82 -9.09
CA VAL A 55 -7.64 14.00 -9.25
C VAL A 55 -7.73 13.37 -10.62
N PRO A 56 -7.93 14.15 -11.69
CA PRO A 56 -8.05 13.55 -13.02
C PRO A 56 -6.78 12.78 -13.46
N LYS A 57 -5.59 13.22 -13.02
CA LYS A 57 -4.39 12.44 -13.35
C LYS A 57 -4.43 11.03 -12.75
N LYS A 58 -4.91 10.92 -11.53
CA LYS A 58 -4.95 9.62 -10.87
C LYS A 58 -6.05 8.73 -11.46
N VAL A 59 -7.15 9.34 -11.90
CA VAL A 59 -8.20 8.59 -12.56
C VAL A 59 -7.66 7.99 -13.86
N MET A 60 -6.96 8.80 -14.64
CA MET A 60 -6.30 8.31 -15.84
C MET A 60 -5.26 7.24 -15.48
N TRP A 61 -4.55 7.48 -14.39
CA TRP A 61 -3.57 6.49 -13.91
C TRP A 61 -4.22 5.13 -13.67
N TYR A 62 -5.39 5.14 -13.06
CA TYR A 62 -6.10 3.89 -12.79
C TYR A 62 -6.41 3.15 -14.09
N ALA A 63 -6.73 3.91 -15.14
CA ALA A 63 -7.02 3.32 -16.44
C ALA A 63 -5.80 2.63 -17.04
N SER A 64 -4.68 3.32 -17.07
CA SER A 64 -3.49 2.71 -17.65
C SER A 64 -3.07 1.51 -16.81
N ASP A 65 -3.22 1.62 -15.50
CA ASP A 65 -2.83 0.57 -14.59
C ASP A 65 -3.65 -0.69 -14.89
N LEU A 66 -4.96 -0.51 -15.05
CA LEU A 66 -5.86 -1.62 -15.34
C LEU A 66 -5.56 -2.23 -16.70
N ALA A 67 -5.23 -1.39 -17.68
CA ALA A 67 -4.87 -1.86 -19.01
C ALA A 67 -3.71 -2.84 -18.91
N THR A 68 -2.68 -2.49 -18.15
CA THR A 68 -1.55 -3.39 -17.97
C THR A 68 -1.99 -4.66 -17.27
N ARG A 69 -2.78 -4.52 -16.22
CA ARG A 69 -3.26 -5.66 -15.46
C ARG A 69 -4.02 -6.67 -16.29
N VAL A 70 -4.90 -6.21 -17.16
CA VAL A 70 -5.65 -7.10 -18.02
C VAL A 70 -4.74 -7.94 -18.89
N SER A 71 -3.60 -7.40 -19.29
CA SER A 71 -2.62 -8.13 -20.10
C SER A 71 -1.89 -9.24 -19.32
N HIS A 72 -2.21 -9.38 -18.04
CA HIS A 72 -1.62 -10.43 -17.18
C HIS A 72 -2.65 -11.47 -16.86
N ALA A 73 -3.90 -11.19 -17.19
CA ALA A 73 -5.00 -12.10 -16.82
C ALA A 73 -4.91 -13.50 -17.39
N ASN A 74 -4.64 -13.61 -18.68
CA ASN A 74 -4.52 -14.91 -19.34
C ASN A 74 -3.52 -15.79 -18.60
N GLU A 75 -2.35 -15.26 -18.32
CA GLU A 75 -1.29 -15.91 -17.59
C GLU A 75 -1.73 -16.35 -16.21
N TYR A 76 -2.57 -15.52 -15.64
CA TYR A 76 -3.13 -15.83 -14.34
C TYR A 76 -4.31 -16.80 -14.49
N GLY A 77 -4.44 -17.38 -15.68
CA GLY A 77 -5.45 -18.39 -15.97
C GLY A 77 -6.84 -17.88 -16.26
N LEU A 78 -7.00 -16.57 -16.48
CA LEU A 78 -8.32 -15.97 -16.58
C LEU A 78 -8.71 -15.61 -18.01
N TYR A 79 -9.97 -15.83 -18.35
CA TYR A 79 -10.53 -15.46 -19.64
C TYR A 79 -9.69 -15.95 -20.81
N GLN A 80 -9.27 -17.22 -20.77
CA GLN A 80 -8.33 -17.73 -21.76
C GLN A 80 -8.86 -17.89 -23.19
N ASN A 81 -10.17 -17.79 -23.38
CA ASN A 81 -10.74 -17.77 -24.73
C ASN A 81 -10.68 -16.39 -25.39
N LEU A 82 -10.30 -15.37 -24.61
CA LEU A 82 -10.22 -14.00 -25.10
C LEU A 82 -8.76 -13.54 -25.24
N PRO A 83 -8.45 -12.84 -26.31
CA PRO A 83 -7.07 -12.42 -26.55
C PRO A 83 -6.76 -11.15 -25.76
N LEU A 84 -6.43 -11.31 -24.49
CA LEU A 84 -6.21 -10.15 -23.64
C LEU A 84 -4.74 -9.78 -23.66
N ASP A 85 -4.31 -9.25 -24.78
CA ASP A 85 -2.90 -8.90 -24.98
C ASP A 85 -2.78 -7.47 -25.47
N LYS A 86 -1.53 -7.01 -25.57
CA LYS A 86 -1.22 -5.66 -26.04
C LYS A 86 -1.82 -5.41 -27.41
N GLU A 87 -1.79 -6.44 -28.25
CA GLU A 87 -2.23 -6.34 -29.64
C GLU A 87 -3.71 -6.00 -29.73
N HIS A 88 -4.51 -6.50 -28.78
CA HIS A 88 -5.95 -6.27 -28.80
C HIS A 88 -6.45 -5.13 -27.90
N LEU A 89 -5.54 -4.46 -27.21
CA LEU A 89 -5.89 -3.32 -26.36
C LEU A 89 -6.63 -2.23 -27.06
N THR A 90 -7.76 -1.80 -26.49
CA THR A 90 -8.53 -0.67 -26.99
C THR A 90 -8.91 0.15 -25.78
N PHE A 91 -8.96 1.46 -25.94
CA PHE A 91 -9.34 2.35 -24.89
C PHE A 91 -10.30 3.40 -25.47
N ASN A 92 -11.50 3.49 -24.90
CA ASN A 92 -12.47 4.45 -25.36
C ASN A 92 -12.20 5.79 -24.72
N TRP A 93 -11.21 6.49 -25.24
CA TRP A 93 -10.77 7.77 -24.69
C TRP A 93 -11.93 8.81 -24.57
N PRO A 94 -12.70 9.04 -25.65
CA PRO A 94 -13.82 9.97 -25.58
C PRO A 94 -14.80 9.66 -24.47
N GLU A 95 -15.28 8.42 -24.37
CA GLU A 95 -16.22 8.05 -23.31
C GLU A 95 -15.61 8.20 -21.93
N PHE A 96 -14.35 7.81 -21.78
CA PHE A 96 -13.74 7.85 -20.45
C PHE A 96 -13.54 9.30 -20.05
N LYS A 97 -13.23 10.13 -21.03
CA LYS A 97 -13.06 11.53 -20.80
C LYS A 97 -14.35 12.10 -20.19
N GLN A 98 -15.49 11.70 -20.75
CA GLN A 98 -16.77 12.22 -20.27
C GLN A 98 -17.01 11.86 -18.83
N LYS A 99 -16.76 10.59 -18.48
CA LYS A 99 -16.92 10.13 -17.09
C LYS A 99 -15.99 10.83 -16.13
N ARG A 100 -14.77 11.09 -16.59
CA ARG A 100 -13.74 11.76 -15.78
C ARG A 100 -14.19 13.19 -15.48
N ASP A 101 -14.72 13.88 -16.49
CA ASP A 101 -15.21 15.25 -16.31
C ASP A 101 -16.42 15.26 -15.41
N ALA A 102 -17.26 14.25 -15.54
CA ALA A 102 -18.45 14.16 -14.72
C ALA A 102 -18.05 14.10 -13.25
N TYR A 103 -17.07 13.25 -12.95
CA TYR A 103 -16.56 13.11 -11.59
C TYR A 103 -15.99 14.44 -11.09
N VAL A 104 -15.19 15.09 -11.91
CA VAL A 104 -14.63 16.38 -11.51
C VAL A 104 -15.71 17.42 -11.26
N HIS A 105 -16.67 17.53 -12.18
CA HIS A 105 -17.82 18.46 -12.06
C HIS A 105 -18.59 18.18 -10.76
N ARG A 106 -18.75 16.91 -10.47
CA ARG A 106 -19.38 16.47 -9.24
C ARG A 106 -18.58 16.95 -8.01
N LEU A 107 -17.25 16.91 -8.08
CA LEU A 107 -16.45 17.41 -6.96
C LEU A 107 -16.56 18.94 -6.81
N ASN A 108 -16.65 19.67 -7.92
CA ASN A 108 -16.87 21.10 -7.88
C ASN A 108 -18.13 21.41 -7.04
N GLY A 109 -19.21 20.70 -7.35
CA GLY A 109 -20.48 20.86 -6.66
C GLY A 109 -20.38 20.62 -5.17
N ILE A 110 -19.74 19.53 -4.78
CA ILE A 110 -19.52 19.19 -3.37
C ILE A 110 -18.75 20.31 -2.64
N TYR A 111 -17.76 20.87 -3.31
CA TYR A 111 -17.00 21.99 -2.74
C TYR A 111 -17.87 23.22 -2.53
N GLN A 112 -18.65 23.61 -3.54
CA GLN A 112 -19.55 24.75 -3.43
C GLN A 112 -20.55 24.54 -2.29
N LYS A 113 -21.03 23.31 -2.17
CA LYS A 113 -21.98 22.91 -1.15
C LYS A 113 -21.37 23.08 0.24
N ASN A 114 -20.20 22.47 0.44
CA ASN A 114 -19.48 22.56 1.72
C ASN A 114 -19.26 24.00 2.15
N LEU A 115 -18.68 24.79 1.26
CA LEU A 115 -18.35 26.17 1.56
C LEU A 115 -19.55 27.00 1.99
N GLU A 116 -20.65 26.93 1.26
CA GLU A 116 -21.84 27.69 1.65
C GLU A 116 -22.49 27.13 2.93
N LYS A 117 -22.24 25.86 3.22
CA LYS A 117 -22.68 25.25 4.47
C LYS A 117 -21.81 25.67 5.66
N GLU A 118 -20.56 25.97 5.41
CA GLU A 118 -19.61 26.37 6.45
C GLU A 118 -19.53 27.89 6.57
N LYS A 119 -20.47 28.55 5.88
CA LYS A 119 -20.61 30.00 5.92
C LYS A 119 -19.49 30.82 5.31
N VAL A 120 -18.87 30.30 4.26
CA VAL A 120 -17.89 31.06 3.51
C VAL A 120 -18.68 31.66 2.32
N ASP A 121 -18.64 32.97 2.14
CA ASP A 121 -19.22 33.54 0.93
C ASP A 121 -18.30 33.20 -0.23
N VAL A 122 -18.89 32.75 -1.33
CA VAL A 122 -18.14 32.42 -2.53
C VAL A 122 -18.54 33.31 -3.68
N VAL A 123 -17.56 33.92 -4.33
CA VAL A 123 -17.82 34.73 -5.50
C VAL A 123 -16.87 34.32 -6.62
N PHE A 124 -17.45 34.13 -7.81
CA PHE A 124 -16.67 33.78 -8.99
C PHE A 124 -16.32 35.04 -9.75
N GLY A 125 -15.05 35.19 -10.08
CA GLY A 125 -14.58 36.35 -10.79
C GLY A 125 -13.08 36.52 -10.67
N TRP A 126 -12.52 37.44 -11.44
CA TRP A 126 -11.11 37.76 -11.36
C TRP A 126 -10.88 38.81 -10.27
N ALA A 127 -10.06 38.48 -9.28
CA ALA A 127 -9.77 39.41 -8.20
C ALA A 127 -8.45 40.10 -8.43
N ARG A 128 -8.40 41.37 -8.05
CA ARG A 128 -7.22 42.19 -8.22
C ARG A 128 -7.18 43.24 -7.11
N PHE A 129 -5.98 43.58 -6.66
CA PHE A 129 -5.83 44.60 -5.70
C PHE A 129 -5.93 46.00 -6.33
N ASN A 130 -6.66 46.93 -5.71
CA ASN A 130 -6.66 48.30 -6.23
C ASN A 130 -5.67 49.08 -5.35
N LYS A 131 -5.41 50.34 -5.72
CA LYS A 131 -4.45 51.17 -4.98
C LYS A 131 -4.85 51.41 -3.51
N ASP A 132 -6.15 51.44 -3.24
CA ASP A 132 -6.64 51.63 -1.88
C ASP A 132 -6.29 50.47 -0.95
N GLY A 133 -5.88 49.34 -1.53
CA GLY A 133 -5.52 48.15 -0.76
C GLY A 133 -6.70 47.23 -0.60
N ASN A 134 -7.80 47.57 -1.27
CA ASN A 134 -8.96 46.70 -1.33
C ASN A 134 -8.89 45.79 -2.55
N VAL A 135 -9.86 44.90 -2.65
CA VAL A 135 -9.90 43.88 -3.71
C VAL A 135 -11.13 44.07 -4.62
N GLU A 136 -10.97 44.53 -5.91
CA GLU A 136 -12.14 44.58 -6.84
C GLU A 136 -12.13 43.28 -7.67
N VAL A 137 -13.34 42.72 -7.78
CA VAL A 137 -13.62 41.47 -8.45
C VAL A 137 -14.55 41.66 -9.66
N GLN A 138 -14.07 41.33 -10.87
CA GLN A 138 -14.90 41.37 -12.06
C GLN A 138 -15.64 40.05 -12.09
N LYS A 139 -16.98 40.13 -12.09
CA LYS A 139 -17.73 38.92 -12.01
C LYS A 139 -18.35 38.40 -13.28
N ARG A 140 -19.15 37.36 -13.03
CA ARG A 140 -19.92 36.73 -14.07
C ARG A 140 -21.35 37.22 -13.87
N ASP A 141 -21.52 38.42 -13.47
CA ASP A 141 -22.85 38.96 -13.29
C ASP A 141 -22.72 40.01 -14.34
N ASN A 142 -21.41 40.22 -14.53
CA ASN A 142 -20.81 41.24 -15.36
C ASN A 142 -20.89 42.51 -14.51
N THR A 143 -20.74 42.26 -13.19
CA THR A 143 -20.94 43.27 -12.15
C THR A 143 -19.78 44.17 -11.74
N THR A 144 -18.77 43.61 -11.09
CA THR A 144 -17.64 44.35 -10.53
C THR A 144 -17.98 44.97 -9.19
N GLU A 145 -17.72 44.25 -8.10
CA GLU A 145 -17.89 44.78 -6.76
C GLU A 145 -16.50 45.05 -6.19
N VAL A 146 -16.41 45.88 -5.17
CA VAL A 146 -15.15 46.09 -4.46
C VAL A 146 -15.36 45.64 -3.02
N TYR A 147 -14.42 44.84 -2.52
CA TYR A 147 -14.52 44.32 -1.16
C TYR A 147 -13.32 44.73 -0.33
N SER A 148 -13.53 44.84 0.97
CA SER A 148 -12.48 45.14 1.93
C SER A 148 -12.42 44.05 2.97
N ALA A 149 -11.26 43.87 3.57
CA ALA A 149 -11.08 42.84 4.57
C ALA A 149 -9.94 43.16 5.50
N ASN A 150 -9.98 42.62 6.70
CA ASN A 150 -8.90 42.79 7.66
C ASN A 150 -7.70 41.92 7.35
N HIS A 151 -7.93 40.82 6.65
CA HIS A 151 -6.89 39.83 6.35
C HIS A 151 -7.11 39.27 4.95
N ILE A 152 -6.04 39.22 4.16
CA ILE A 152 -6.12 38.80 2.77
C ILE A 152 -5.10 37.70 2.49
N LEU A 153 -5.57 36.57 1.95
CA LEU A 153 -4.70 35.48 1.56
C LEU A 153 -4.64 35.42 0.04
N VAL A 154 -3.43 35.41 -0.47
CA VAL A 154 -3.23 35.23 -1.91
C VAL A 154 -2.75 33.81 -2.12
N ALA A 155 -3.63 33.02 -2.75
CA ALA A 155 -3.36 31.59 -2.99
C ALA A 155 -3.79 31.27 -4.42
N THR A 156 -3.13 31.93 -5.37
CA THR A 156 -3.50 31.86 -6.79
C THR A 156 -2.84 30.73 -7.58
N GLY A 157 -1.99 29.96 -6.93
CA GLY A 157 -1.40 28.80 -7.56
C GLY A 157 -0.43 29.15 -8.65
N GLY A 158 -0.27 28.19 -9.58
CA GLY A 158 0.71 28.30 -10.63
C GLY A 158 0.11 28.09 -11.99
N LYS A 159 0.99 27.84 -12.95
CA LYS A 159 0.63 27.64 -14.34
C LYS A 159 1.86 27.09 -15.07
N ALA A 160 1.63 26.33 -16.12
CA ALA A 160 2.72 25.72 -16.89
C ALA A 160 3.62 26.74 -17.58
N ILE A 161 4.89 26.40 -17.63
CA ILE A 161 5.88 27.19 -18.35
C ILE A 161 5.94 26.72 -19.79
N PHE A 162 5.87 27.66 -20.73
CA PHE A 162 6.08 27.36 -22.13
C PHE A 162 7.47 27.84 -22.58
N PRO A 163 8.13 27.08 -23.45
CA PRO A 163 9.46 27.48 -23.92
C PRO A 163 9.32 28.40 -25.12
N GLU A 164 9.01 29.66 -24.83
CA GLU A 164 8.68 30.69 -25.85
C GLU A 164 9.85 31.05 -26.76
N ASN A 165 11.05 30.65 -26.35
CA ASN A 165 12.27 30.73 -27.16
C ASN A 165 12.39 29.70 -28.31
N ILE A 166 11.47 28.72 -28.35
CA ILE A 166 11.52 27.64 -29.35
C ILE A 166 10.48 27.86 -30.44
N PRO A 167 10.93 27.99 -31.69
CA PRO A 167 10.02 28.18 -32.82
C PRO A 167 9.08 26.99 -32.98
N GLY A 168 7.78 27.24 -33.13
CA GLY A 168 6.80 26.18 -33.14
C GLY A 168 6.32 25.74 -31.74
N PHE A 169 6.81 26.37 -30.66
CA PHE A 169 6.46 25.96 -29.29
C PHE A 169 4.96 25.94 -29.08
N GLU A 170 4.28 26.89 -29.70
CA GLU A 170 2.82 27.00 -29.62
C GLU A 170 2.10 25.80 -30.20
N LEU A 171 2.80 24.98 -30.99
CA LEU A 171 2.21 23.75 -31.52
C LEU A 171 2.04 22.65 -30.47
N GLY A 172 2.54 22.86 -29.27
CA GLY A 172 2.33 21.92 -28.21
C GLY A 172 1.51 22.58 -27.09
N THR A 173 0.96 21.76 -26.18
CA THR A 173 0.21 22.26 -25.03
C THR A 173 0.98 21.98 -23.75
N ASP A 174 0.23 22.10 -22.65
CA ASP A 174 0.71 21.78 -21.32
C ASP A 174 -0.24 20.76 -20.69
N SER A 175 0.01 20.41 -19.44
CA SER A 175 -0.81 19.40 -18.76
C SER A 175 -2.29 19.74 -18.76
N ASP A 176 -2.64 21.04 -18.75
CA ASP A 176 -4.05 21.43 -18.86
C ASP A 176 -4.59 20.91 -20.16
N GLY A 177 -3.85 21.15 -21.24
CA GLY A 177 -4.20 20.64 -22.53
C GLY A 177 -4.37 19.14 -22.55
N PHE A 178 -3.57 18.42 -21.76
CA PHE A 178 -3.72 16.98 -21.65
C PHE A 178 -5.15 16.60 -21.26
N PHE A 179 -5.68 17.30 -20.26
CA PHE A 179 -7.02 17.08 -19.77
C PHE A 179 -8.13 17.58 -20.70
N ARG A 180 -7.78 18.39 -21.68
CA ARG A 180 -8.77 18.81 -22.68
C ARG A 180 -8.85 17.88 -23.89
N LEU A 181 -7.84 17.04 -24.09
CA LEU A 181 -7.84 16.10 -25.20
C LEU A 181 -9.12 15.28 -25.24
N GLU A 182 -9.81 15.36 -26.38
CA GLU A 182 -11.06 14.66 -26.64
C GLU A 182 -10.80 13.26 -27.17
N GLU A 183 -9.72 13.08 -27.92
CA GLU A 183 -9.35 11.80 -28.55
C GLU A 183 -7.90 11.41 -28.17
N GLN A 184 -7.60 10.12 -28.21
CA GLN A 184 -6.28 9.65 -27.89
C GLN A 184 -5.31 9.86 -29.07
N PRO A 185 -4.17 10.48 -28.81
CA PRO A 185 -3.12 10.60 -29.82
C PRO A 185 -2.40 9.26 -30.02
N LYS A 186 -2.14 8.92 -31.28
CA LYS A 186 -1.48 7.66 -31.57
C LYS A 186 0.00 7.76 -31.22
N LYS A 187 0.56 8.94 -31.44
CA LYS A 187 1.97 9.20 -31.20
C LYS A 187 2.08 10.53 -30.47
N VAL A 188 2.64 10.48 -29.25
CA VAL A 188 2.72 11.64 -28.39
C VAL A 188 4.14 11.87 -27.88
N VAL A 189 4.52 13.14 -27.77
CA VAL A 189 5.81 13.51 -27.23
C VAL A 189 5.59 14.34 -25.98
N VAL A 190 6.28 13.97 -24.90
CA VAL A 190 6.23 14.68 -23.63
C VAL A 190 7.61 15.20 -23.34
N VAL A 191 7.72 16.45 -22.92
CA VAL A 191 9.02 17.07 -22.69
C VAL A 191 9.20 17.51 -21.24
N GLY A 192 10.26 16.98 -20.61
CA GLY A 192 10.62 17.31 -19.24
C GLY A 192 10.72 16.06 -18.39
N ALA A 193 11.69 16.03 -17.49
CA ALA A 193 11.92 14.90 -16.60
C ALA A 193 11.18 15.01 -15.26
N GLY A 194 10.41 16.07 -15.07
CA GLY A 194 9.65 16.28 -13.84
C GLY A 194 8.62 15.20 -13.59
N TYR A 195 8.03 15.19 -12.42
CA TYR A 195 7.08 14.15 -12.08
C TYR A 195 5.78 14.22 -12.90
N ILE A 196 5.36 15.42 -13.30
CA ILE A 196 4.12 15.55 -14.05
C ILE A 196 4.27 14.84 -15.41
N GLY A 197 5.36 15.11 -16.10
CA GLY A 197 5.56 14.49 -17.39
C GLY A 197 5.82 12.99 -17.33
N ILE A 198 6.50 12.54 -16.28
CA ILE A 198 6.78 11.14 -16.11
C ILE A 198 5.46 10.40 -15.95
N GLU A 199 4.55 10.98 -15.18
CA GLU A 199 3.24 10.39 -14.95
C GLU A 199 2.43 10.34 -16.22
N LEU A 200 2.38 11.46 -16.95
CA LEU A 200 1.60 11.52 -18.17
C LEU A 200 2.14 10.59 -19.23
N ALA A 201 3.45 10.43 -19.29
CA ALA A 201 4.06 9.53 -20.24
C ALA A 201 3.67 8.11 -19.94
N GLY A 202 3.71 7.77 -18.64
CA GLY A 202 3.30 6.44 -18.19
C GLY A 202 1.86 6.14 -18.53
N VAL A 203 1.00 7.14 -18.38
CA VAL A 203 -0.42 6.96 -18.68
C VAL A 203 -0.60 6.73 -20.17
N PHE A 204 0.00 7.59 -20.98
CA PHE A 204 -0.14 7.50 -22.42
C PHE A 204 0.29 6.12 -22.89
N HIS A 205 1.43 5.65 -22.39
CA HIS A 205 1.98 4.37 -22.81
C HIS A 205 1.15 3.18 -22.34
N GLY A 206 0.68 3.22 -21.11
CA GLY A 206 -0.18 2.19 -20.61
C GLY A 206 -1.48 2.08 -21.36
N LEU A 207 -1.90 3.19 -21.96
CA LEU A 207 -3.16 3.21 -22.72
C LEU A 207 -2.97 2.94 -24.20
N GLY A 208 -1.74 2.61 -24.64
CA GLY A 208 -1.54 2.18 -26.02
C GLY A 208 -0.91 3.17 -27.00
N SER A 209 -0.68 4.43 -26.64
CA SER A 209 -0.07 5.38 -27.56
C SER A 209 1.42 5.14 -27.67
N GLU A 210 2.00 5.35 -28.86
CA GLU A 210 3.44 5.30 -28.99
C GLU A 210 3.91 6.54 -28.26
N THR A 211 4.64 6.39 -27.12
CA THR A 211 5.09 7.49 -26.25
C THR A 211 6.57 7.80 -26.33
N HIS A 212 6.85 9.09 -26.38
CA HIS A 212 8.20 9.62 -26.40
C HIS A 212 8.35 10.64 -25.28
N LEU A 213 9.47 10.61 -24.58
CA LEU A 213 9.75 11.48 -23.47
C LEU A 213 11.09 12.13 -23.77
N VAL A 214 11.16 13.47 -23.74
CA VAL A 214 12.40 14.19 -24.07
C VAL A 214 12.98 14.86 -22.84
N ILE A 215 14.25 14.54 -22.55
CA ILE A 215 14.94 15.03 -21.35
C ILE A 215 16.36 15.50 -21.65
N ARG A 216 16.79 16.49 -20.87
CA ARG A 216 18.09 17.12 -21.03
C ARG A 216 19.24 16.23 -20.60
N GLY A 217 19.03 15.46 -19.54
CA GLY A 217 20.08 14.61 -18.99
C GLY A 217 19.95 13.16 -19.37
N GLU A 218 20.59 12.31 -18.58
CA GLU A 218 20.59 10.88 -18.78
C GLU A 218 19.46 10.17 -18.05
N THR A 219 18.85 10.85 -17.07
CA THR A 219 17.78 10.25 -16.25
C THR A 219 16.65 11.20 -15.99
N VAL A 220 15.49 10.64 -15.73
CA VAL A 220 14.31 11.40 -15.37
C VAL A 220 14.34 11.72 -13.89
N LEU A 221 13.40 12.56 -13.45
CA LEU A 221 13.19 12.85 -12.03
C LEU A 221 14.47 13.27 -11.32
N ARG A 222 15.15 14.25 -11.87
CA ARG A 222 16.44 14.63 -11.31
C ARG A 222 16.41 15.39 -9.97
N LYS A 223 15.24 15.68 -9.44
CA LYS A 223 15.14 16.27 -8.11
C LYS A 223 15.17 15.17 -7.04
N PHE A 224 14.99 13.93 -7.45
CA PHE A 224 14.91 12.82 -6.51
C PHE A 224 16.21 12.05 -6.45
N ASP A 225 16.32 11.22 -5.42
CA ASP A 225 17.46 10.35 -5.21
C ASP A 225 17.73 9.54 -6.48
N GLU A 226 19.00 9.24 -6.71
CA GLU A 226 19.44 8.54 -7.92
C GLU A 226 18.76 7.18 -8.10
N CYS A 227 18.36 6.54 -7.01
CA CYS A 227 17.73 5.24 -7.10
C CYS A 227 16.39 5.35 -7.82
N ILE A 228 15.64 6.41 -7.50
CA ILE A 228 14.39 6.67 -8.20
C ILE A 228 14.66 7.02 -9.66
N GLN A 229 15.64 7.87 -9.90
CA GLN A 229 15.97 8.31 -11.23
C GLN A 229 16.31 7.15 -12.17
N ASN A 230 17.19 6.29 -11.72
CA ASN A 230 17.67 5.18 -12.53
C ASN A 230 16.64 4.11 -12.76
N THR A 231 15.89 3.77 -11.73
CA THR A 231 14.94 2.69 -11.85
C THR A 231 13.81 3.10 -12.79
N ILE A 232 13.27 4.31 -12.63
CA ILE A 232 12.18 4.75 -13.49
C ILE A 232 12.67 4.96 -14.91
N THR A 233 13.84 5.57 -15.05
CA THR A 233 14.44 5.75 -16.37
C THR A 233 14.59 4.40 -17.09
N ASP A 234 15.23 3.45 -16.43
CA ASP A 234 15.49 2.15 -17.04
C ASP A 234 14.21 1.37 -17.33
N HIS A 235 13.26 1.37 -16.40
CA HIS A 235 12.02 0.66 -16.66
C HIS A 235 11.21 1.33 -17.77
N TYR A 236 11.24 2.64 -17.86
CA TYR A 236 10.49 3.31 -18.94
C TYR A 236 11.03 2.88 -20.31
N VAL A 237 12.35 2.84 -20.44
CA VAL A 237 12.96 2.41 -21.69
C VAL A 237 12.58 0.96 -22.00
N LYS A 238 12.82 0.07 -21.04
CA LYS A 238 12.48 -1.34 -21.20
C LYS A 238 11.04 -1.56 -21.64
N GLU A 239 10.13 -0.83 -21.01
CA GLU A 239 8.68 -0.85 -21.28
C GLU A 239 8.34 -0.56 -22.71
N GLY A 240 9.04 0.40 -23.31
CA GLY A 240 8.69 0.76 -24.67
C GLY A 240 8.48 2.27 -24.75
N ILE A 241 8.68 2.98 -23.64
CA ILE A 241 8.61 4.43 -23.69
C ILE A 241 9.94 4.90 -24.26
N ASN A 242 9.85 5.65 -25.34
CA ASN A 242 11.04 6.13 -26.03
C ASN A 242 11.59 7.37 -25.32
N VAL A 243 12.64 7.17 -24.53
CA VAL A 243 13.26 8.24 -23.76
C VAL A 243 14.44 8.83 -24.55
N HIS A 244 14.29 10.07 -25.02
CA HIS A 244 15.38 10.76 -25.73
C HIS A 244 16.24 11.48 -24.70
N LYS A 245 17.38 10.89 -24.37
CA LYS A 245 18.30 11.46 -23.38
C LYS A 245 19.19 12.52 -24.01
N LEU A 246 19.84 13.33 -23.18
CA LEU A 246 20.78 14.34 -23.65
C LEU A 246 20.20 15.15 -24.81
N SER A 247 18.90 15.42 -24.72
CA SER A 247 18.25 16.08 -25.81
C SER A 247 17.46 17.33 -25.42
N LYS A 248 17.26 18.17 -26.42
CA LYS A 248 16.38 19.31 -26.25
C LYS A 248 15.79 19.70 -27.60
N ILE A 249 14.51 20.05 -27.57
CA ILE A 249 13.79 20.46 -28.74
C ILE A 249 14.29 21.84 -29.13
N VAL A 250 14.61 21.99 -30.41
CA VAL A 250 15.02 23.26 -30.95
C VAL A 250 14.09 23.78 -32.04
N LYS A 251 13.16 22.95 -32.51
CA LYS A 251 12.20 23.40 -33.50
C LYS A 251 11.01 22.46 -33.62
N VAL A 252 9.82 23.03 -33.75
CA VAL A 252 8.61 22.27 -33.98
C VAL A 252 7.95 22.81 -35.25
N GLU A 253 7.44 21.93 -36.10
CA GLU A 253 6.73 22.34 -37.33
C GLU A 253 5.52 21.45 -37.60
N LYS A 254 4.59 21.93 -38.43
CA LYS A 254 3.44 21.13 -38.85
C LYS A 254 3.44 20.80 -40.34
N ASN A 255 3.20 19.53 -40.67
CA ASN A 255 3.13 19.02 -42.06
C ASN A 255 1.75 19.19 -42.71
N VAL A 256 1.70 18.94 -44.02
CA VAL A 256 0.51 19.01 -44.91
C VAL A 256 -0.84 18.88 -44.20
N THR A 258 -1.75 16.22 -43.63
CA THR A 258 -1.14 15.46 -42.55
C THR A 258 -1.60 16.01 -41.21
N ASP A 259 -1.31 17.28 -40.98
CA ASP A 259 -1.70 17.99 -39.74
C ASP A 259 -0.88 17.55 -38.51
N LYS A 260 0.08 16.65 -38.72
CA LYS A 260 0.98 16.14 -37.70
C LYS A 260 2.28 16.95 -37.57
N LEU A 261 2.99 16.73 -36.47
CA LEU A 261 4.18 17.50 -36.16
C LEU A 261 5.48 16.76 -36.42
N LYS A 262 6.52 17.54 -36.62
CA LYS A 262 7.87 17.05 -36.72
C LYS A 262 8.62 17.84 -35.66
N ILE A 263 9.26 17.12 -34.75
CA ILE A 263 9.99 17.71 -33.66
C ILE A 263 11.47 17.56 -33.94
N HIS A 264 12.18 18.67 -33.95
CA HIS A 264 13.59 18.66 -34.27
C HIS A 264 14.47 18.80 -33.04
N MET A 265 15.41 17.88 -32.93
CA MET A 265 16.29 17.84 -31.78
C MET A 265 17.61 18.56 -32.01
N ASN A 266 18.29 18.83 -30.91
CA ASN A 266 19.56 19.55 -30.92
C ASN A 266 20.77 18.72 -31.37
N ASP A 267 20.63 17.39 -31.37
CA ASP A 267 21.68 16.47 -31.77
C ASP A 267 21.53 16.06 -33.25
N SER A 268 20.53 16.66 -33.91
CA SER A 268 20.21 16.43 -35.32
C SER A 268 19.28 15.23 -35.55
N LYS A 269 18.73 14.69 -34.48
CA LYS A 269 17.68 13.68 -34.60
C LYS A 269 16.30 14.31 -34.67
N SER A 270 15.32 13.49 -35.02
CA SER A 270 13.96 13.95 -35.25
C SER A 270 12.91 12.91 -34.79
N ILE A 271 11.72 13.42 -34.50
CA ILE A 271 10.53 12.61 -34.22
C ILE A 271 9.43 13.17 -35.13
N ASP A 272 9.03 12.40 -36.15
CA ASP A 272 7.99 12.85 -37.07
C ASP A 272 6.66 12.14 -36.85
N ASP A 273 5.64 12.58 -37.57
CA ASP A 273 4.32 12.01 -37.50
C ASP A 273 3.78 12.03 -36.08
N VAL A 274 4.08 13.10 -35.36
CA VAL A 274 3.65 13.23 -33.98
C VAL A 274 2.28 13.88 -33.94
N ASP A 275 1.32 13.26 -33.26
CA ASP A 275 -0.03 13.80 -33.17
C ASP A 275 -0.20 14.80 -32.04
N GLU A 276 0.66 14.71 -31.03
CA GLU A 276 0.48 15.54 -29.84
C GLU A 276 1.82 15.78 -29.16
N LEU A 277 2.02 17.03 -28.77
CA LEU A 277 3.22 17.45 -28.10
C LEU A 277 2.80 18.15 -26.81
N ILE A 278 3.37 17.72 -25.70
CA ILE A 278 3.05 18.34 -24.43
C ILE A 278 4.30 18.76 -23.69
N TRP A 279 4.38 20.06 -23.38
CA TRP A 279 5.46 20.59 -22.56
C TRP A 279 5.12 20.44 -21.08
N THR A 280 6.00 19.77 -20.34
CA THR A 280 5.88 19.66 -18.90
C THR A 280 7.27 20.00 -18.35
N ILE A 281 7.66 21.26 -18.54
CA ILE A 281 8.99 21.73 -18.21
C ILE A 281 9.00 22.68 -17.00
N GLY A 282 8.01 22.54 -16.14
CA GLY A 282 7.96 23.33 -14.91
C GLY A 282 6.74 24.22 -14.90
N ARG A 283 6.45 24.75 -13.71
CA ARG A 283 5.36 25.68 -13.47
C ARG A 283 5.89 26.96 -12.87
N LYS A 284 5.19 28.06 -13.10
CA LYS A 284 5.56 29.37 -12.55
C LYS A 284 4.37 29.91 -11.78
N SER A 285 4.62 30.91 -10.94
CA SER A 285 3.58 31.48 -10.10
C SER A 285 2.56 32.18 -10.98
N HIS A 286 1.30 31.95 -10.64
CA HIS A 286 0.19 32.57 -11.34
C HIS A 286 -0.09 33.94 -10.69
N LEU A 287 0.47 34.99 -11.29
CA LEU A 287 0.27 36.35 -10.81
C LEU A 287 -0.92 36.96 -11.55
N GLY A 288 -0.88 38.23 -11.79
CA GLY A 288 -1.98 38.79 -12.50
C GLY A 288 -3.01 39.46 -11.62
N MET A 289 -2.82 39.41 -10.30
CA MET A 289 -3.72 40.17 -9.43
C MET A 289 -3.05 41.54 -9.39
N GLY A 290 -3.50 42.43 -8.54
CA GLY A 290 -2.89 43.74 -8.48
C GLY A 290 -1.75 43.78 -7.48
N SER A 291 -0.92 42.74 -7.44
CA SER A 291 0.19 42.63 -6.48
C SER A 291 0.92 43.96 -6.31
N GLU A 292 1.24 44.57 -7.45
CA GLU A 292 1.99 45.82 -7.54
C GLU A 292 1.32 46.97 -6.80
N ASN A 293 0.00 47.08 -6.95
CA ASN A 293 -0.79 48.14 -6.30
C ASN A 293 -0.74 48.17 -4.77
N VAL A 294 -0.09 47.15 -4.18
CA VAL A 294 -0.12 46.96 -2.76
C VAL A 294 1.27 46.70 -2.17
N GLY A 295 2.28 46.55 -3.03
CA GLY A 295 3.66 46.43 -2.59
C GLY A 295 4.20 45.05 -2.27
N ILE A 296 3.49 44.00 -2.68
CA ILE A 296 3.95 42.63 -2.41
C ILE A 296 5.23 42.35 -3.15
N LYS A 297 6.27 41.95 -2.41
CA LYS A 297 7.57 41.66 -2.97
C LYS A 297 7.63 40.28 -3.62
N LEU A 298 8.17 40.23 -4.83
CA LEU A 298 8.37 39.00 -5.60
C LEU A 298 9.85 38.66 -5.60
N ASN A 299 10.19 37.38 -5.69
CA ASN A 299 11.60 36.99 -5.82
C ASN A 299 12.08 37.07 -7.28
N SER A 300 13.30 36.63 -7.53
CA SER A 300 13.86 36.66 -8.87
C SER A 300 13.25 35.64 -9.84
N HIS A 301 12.38 34.77 -9.34
CA HIS A 301 11.67 33.81 -10.19
C HIS A 301 10.22 34.20 -10.39
N ASP A 302 9.88 35.41 -10.00
CA ASP A 302 8.51 35.90 -10.08
C ASP A 302 7.51 35.11 -9.23
N GLN A 303 7.98 34.67 -8.07
CA GLN A 303 7.13 34.02 -7.10
C GLN A 303 6.90 35.01 -5.94
N ILE A 304 5.74 34.94 -5.31
CA ILE A 304 5.50 35.77 -4.13
C ILE A 304 6.35 35.26 -2.95
N ILE A 305 7.01 36.20 -2.25
CA ILE A 305 7.83 35.87 -1.10
C ILE A 305 6.93 35.75 0.12
N ALA A 306 7.21 34.75 0.95
CA ALA A 306 6.45 34.55 2.18
C ALA A 306 7.38 34.01 3.22
N ASP A 307 7.22 34.45 4.46
CA ASP A 307 8.05 33.99 5.55
C ASP A 307 7.48 32.67 6.09
N GLU A 308 8.07 32.15 7.17
CA GLU A 308 7.65 30.88 7.76
C GLU A 308 6.18 30.87 8.27
N TYR A 309 5.60 32.06 8.47
CA TYR A 309 4.21 32.21 8.84
C TYR A 309 3.34 32.60 7.67
N GLN A 310 3.85 32.42 6.45
CA GLN A 310 3.12 32.79 5.23
C GLN A 310 2.82 34.28 5.15
N ASN A 311 3.58 35.11 5.89
CA ASN A 311 3.44 36.56 5.79
C ASN A 311 4.17 37.04 4.56
N THR A 312 3.49 37.81 3.72
CA THR A 312 4.22 38.55 2.69
C THR A 312 4.83 39.74 3.42
N ASN A 313 5.49 40.62 2.69
CA ASN A 313 6.05 41.84 3.27
C ASN A 313 4.97 42.88 3.61
N VAL A 314 3.75 42.69 3.10
CA VAL A 314 2.67 43.64 3.35
C VAL A 314 1.77 43.22 4.53
N PRO A 315 1.59 44.13 5.50
CA PRO A 315 0.76 43.87 6.67
C PRO A 315 -0.63 43.37 6.29
N ASN A 316 -1.06 42.31 6.97
CA ASN A 316 -2.36 41.68 6.73
C ASN A 316 -2.54 41.00 5.37
N ILE A 317 -1.45 40.77 4.63
CA ILE A 317 -1.55 40.02 3.38
C ILE A 317 -0.64 38.81 3.48
N TYR A 318 -1.20 37.63 3.29
CA TYR A 318 -0.47 36.38 3.43
C TYR A 318 -0.47 35.63 2.10
N SER A 319 0.43 34.67 1.96
CA SER A 319 0.47 33.87 0.75
C SER A 319 1.04 32.51 1.02
N LEU A 320 0.59 31.54 0.25
CA LEU A 320 1.01 30.15 0.41
C LEU A 320 0.65 29.35 -0.83
N GLY A 321 1.08 28.09 -0.87
CA GLY A 321 0.79 27.22 -2.00
C GLY A 321 1.75 27.45 -3.15
N ASP A 322 1.33 27.05 -4.35
CA ASP A 322 2.18 27.11 -5.53
C ASP A 322 2.63 28.52 -5.87
N VAL A 323 1.80 29.53 -5.60
CA VAL A 323 2.20 30.91 -5.89
C VAL A 323 3.51 31.30 -5.18
N VAL A 324 3.74 30.78 -3.98
CA VAL A 324 5.01 30.99 -3.28
C VAL A 324 6.05 29.98 -3.82
N GLY A 325 5.61 28.77 -4.04
CA GLY A 325 6.43 27.77 -4.74
C GLY A 325 7.28 26.85 -3.88
N LYS A 326 7.06 26.84 -2.57
CA LYS A 326 7.80 25.96 -1.68
C LYS A 326 7.03 24.64 -1.46
N VAL A 327 7.59 23.53 -1.96
CA VAL A 327 6.98 22.21 -1.88
C VAL A 327 5.58 22.29 -2.45
N GLU A 328 5.51 22.24 -3.77
CA GLU A 328 4.27 22.37 -4.54
C GLU A 328 3.43 21.11 -4.57
N LEU A 329 2.67 20.90 -3.50
CA LEU A 329 1.80 19.76 -3.36
C LEU A 329 0.52 20.21 -2.69
N THR A 330 -0.57 19.51 -2.97
CA THR A 330 -1.87 19.84 -2.41
C THR A 330 -1.96 19.77 -0.88
N PRO A 331 -1.45 18.72 -0.25
CA PRO A 331 -1.52 18.61 1.22
C PRO A 331 -0.74 19.69 1.96
N VAL A 332 0.32 20.17 1.32
CA VAL A 332 1.14 21.20 1.88
C VAL A 332 0.40 22.53 1.92
N ALA A 333 -0.23 22.89 0.80
CA ALA A 333 -1.00 24.12 0.74
C ALA A 333 -2.17 24.06 1.73
N ILE A 334 -2.86 22.93 1.76
CA ILE A 334 -3.98 22.71 2.66
C ILE A 334 -3.54 22.89 4.10
N ALA A 335 -2.43 22.25 4.47
CA ALA A 335 -1.92 22.33 5.81
C ALA A 335 -1.49 23.76 6.16
N ALA A 336 -0.76 24.40 5.25
CA ALA A 336 -0.33 25.77 5.49
C ALA A 336 -1.56 26.69 5.60
N GLY A 337 -2.59 26.41 4.83
CA GLY A 337 -3.78 27.22 4.85
C GLY A 337 -4.49 27.09 6.18
N ARG A 338 -4.55 25.85 6.68
CA ARG A 338 -5.20 25.58 7.95
C ARG A 338 -4.43 26.21 9.09
N LYS A 339 -3.11 26.06 9.10
CA LYS A 339 -2.32 26.58 10.18
C LYS A 339 -2.34 28.10 10.22
N LEU A 340 -2.38 28.71 9.05
CA LEU A 340 -2.50 30.16 8.96
C LEU A 340 -3.80 30.62 9.62
N SER A 341 -4.90 29.95 9.29
CA SER A 341 -6.18 30.29 9.86
C SER A 341 -6.23 30.03 11.38
N ASN A 342 -5.55 28.98 11.83
CA ASN A 342 -5.44 28.73 13.26
C ASN A 342 -4.79 29.92 13.95
N ARG A 343 -3.71 30.41 13.37
CA ARG A 343 -2.93 31.49 13.94
C ARG A 343 -3.71 32.81 13.92
N LEU A 344 -4.37 33.10 12.81
CA LEU A 344 -5.07 34.37 12.64
C LEU A 344 -6.39 34.44 13.39
N PHE A 345 -7.15 33.35 13.40
CA PHE A 345 -8.49 33.35 13.94
C PHE A 345 -8.76 32.32 15.02
N GLY A 346 -7.82 31.40 15.23
CA GLY A 346 -8.02 30.32 16.18
C GLY A 346 -7.73 30.74 17.61
N PRO A 347 -7.86 29.81 18.55
CA PRO A 347 -7.51 30.08 19.94
C PRO A 347 -6.03 30.42 20.16
N GLU A 348 -5.78 31.10 21.27
CA GLU A 348 -4.44 31.53 21.69
C GLU A 348 -3.34 30.49 21.45
N LYS A 349 -3.68 29.24 21.76
CA LYS A 349 -2.89 28.03 21.49
C LYS A 349 -2.08 28.06 20.18
N PHE A 350 -2.72 28.51 19.10
CA PHE A 350 -2.10 28.48 17.78
C PHE A 350 -1.48 29.80 17.30
N ARG A 351 -1.10 30.68 18.21
CA ARG A 351 -0.60 31.97 17.78
C ARG A 351 0.76 31.91 17.09
N ASN A 352 1.46 30.78 17.22
CA ASN A 352 2.73 30.56 16.52
C ASN A 352 2.72 29.31 15.65
N ASP A 353 1.53 29.01 15.13
CA ASP A 353 1.34 27.83 14.32
C ASP A 353 1.87 28.10 12.92
N LYS A 354 2.57 27.11 12.39
CA LYS A 354 3.20 27.18 11.07
C LYS A 354 3.52 25.76 10.58
N LEU A 355 3.64 25.60 9.27
CA LEU A 355 3.92 24.29 8.73
C LEU A 355 5.39 23.98 8.71
N ASP A 356 5.73 22.77 9.12
CA ASP A 356 7.07 22.26 8.96
C ASP A 356 7.13 21.73 7.52
N TYR A 357 7.94 22.37 6.68
CA TYR A 357 8.09 21.96 5.29
C TYR A 357 9.16 20.86 5.05
N GLU A 358 9.84 20.43 6.12
CA GLU A 358 10.86 19.39 5.98
C GLU A 358 10.23 18.01 6.09
N ASN A 359 10.82 17.07 5.41
CA ASN A 359 10.35 15.68 5.45
C ASN A 359 8.89 15.52 5.10
N VAL A 360 8.46 16.25 4.09
CA VAL A 360 7.15 16.08 3.55
C VAL A 360 7.24 14.93 2.56
N PRO A 361 6.44 13.88 2.73
CA PRO A 361 6.48 12.77 1.78
C PRO A 361 5.82 13.15 0.48
N SER A 362 6.32 12.58 -0.62
CA SER A 362 5.75 12.80 -1.93
C SER A 362 5.85 11.54 -2.75
N VAL A 363 4.93 11.41 -3.69
CA VAL A 363 4.79 10.25 -4.54
C VAL A 363 4.74 10.60 -6.03
N ILE A 364 5.23 9.68 -6.85
CA ILE A 364 5.19 9.80 -8.29
C ILE A 364 4.35 8.64 -8.83
N PHE A 365 3.28 8.98 -9.51
CA PHE A 365 2.42 7.95 -10.07
C PHE A 365 2.84 7.51 -11.45
N SER A 366 4.08 7.02 -11.52
CA SER A 366 4.70 6.47 -12.69
C SER A 366 4.30 4.99 -12.72
N HIS A 367 4.90 4.24 -13.64
CA HIS A 367 4.68 2.81 -13.70
C HIS A 367 6.03 2.11 -13.72
N PRO A 368 6.49 1.51 -12.62
CA PRO A 368 5.82 1.48 -11.32
C PRO A 368 5.89 2.84 -10.60
N GLU A 369 5.01 3.00 -9.62
CA GLU A 369 4.96 4.18 -8.78
C GLU A 369 6.24 4.28 -7.96
N ALA A 370 6.52 5.47 -7.47
CA ALA A 370 7.70 5.72 -6.65
C ALA A 370 7.30 6.62 -5.50
N GLY A 371 8.07 6.58 -4.42
CA GLY A 371 7.84 7.45 -3.30
C GLY A 371 9.16 7.94 -2.72
N SER A 372 9.14 9.09 -2.07
CA SER A 372 10.31 9.67 -1.45
C SER A 372 9.98 10.61 -0.30
N ILE A 373 10.81 10.58 0.73
CA ILE A 373 10.73 11.51 1.84
C ILE A 373 12.13 11.73 2.34
N GLY A 374 12.42 12.95 2.77
CA GLY A 374 13.74 13.24 3.28
C GLY A 374 14.69 13.50 2.15
N ILE A 375 15.98 13.33 2.43
CA ILE A 375 17.02 13.72 1.48
C ILE A 375 17.63 12.53 0.74
N SER A 376 18.24 12.80 -0.40
CA SER A 376 18.90 11.78 -1.19
C SER A 376 20.23 11.40 -0.56
N GLU A 377 20.80 10.32 -1.05
CA GLU A 377 22.09 9.85 -0.59
C GLU A 377 23.13 10.95 -0.79
N LYS A 378 23.07 11.60 -1.95
CA LYS A 378 24.03 12.65 -2.30
C LYS A 378 23.90 13.86 -1.38
N GLU A 379 22.67 14.23 -1.05
CA GLU A 379 22.42 15.33 -0.15
C GLU A 379 22.93 14.98 1.25
N ALA A 380 22.73 13.74 1.69
CA ALA A 380 23.13 13.33 3.04
C ALA A 380 24.63 13.39 3.20
N ILE A 381 25.34 12.85 2.22
CA ILE A 381 26.81 12.85 2.22
C ILE A 381 27.35 14.27 2.26
N GLU A 382 26.70 15.14 1.51
CA GLU A 382 27.04 16.54 1.45
C GLU A 382 26.78 17.24 2.80
N LYS A 383 25.69 16.89 3.45
CA LYS A 383 25.29 17.55 4.69
C LYS A 383 26.00 17.00 5.93
N TYR A 384 26.24 15.70 5.97
CA TYR A 384 26.73 15.05 7.18
C TYR A 384 28.12 14.47 7.03
N GLY A 385 28.58 14.34 5.79
CA GLY A 385 29.86 13.73 5.52
C GLY A 385 29.75 12.24 5.28
N LYS A 386 30.48 11.77 4.27
CA LYS A 386 30.56 10.37 3.86
C LYS A 386 30.63 9.37 5.00
N GLU A 387 31.52 9.67 5.94
CA GLU A 387 31.85 8.79 7.06
C GLU A 387 30.65 8.56 7.98
N ASN A 388 29.71 9.51 8.01
CA ASN A 388 28.53 9.41 8.86
C ASN A 388 27.24 8.99 8.15
N ILE A 389 27.34 8.47 6.94
CA ILE A 389 26.15 8.04 6.22
C ILE A 389 26.20 6.55 5.93
N LYS A 390 25.22 5.81 6.41
CA LYS A 390 25.07 4.42 6.06
C LYS A 390 23.78 4.26 5.24
N VAL A 391 23.89 3.50 4.16
CA VAL A 391 22.75 3.26 3.26
C VAL A 391 22.40 1.79 3.21
N TYR A 392 21.10 1.52 3.30
CA TYR A 392 20.57 0.18 3.14
C TYR A 392 19.80 0.14 1.83
N ASN A 393 20.02 -0.91 1.04
CA ASN A 393 19.35 -1.11 -0.23
C ASN A 393 18.72 -2.49 -0.27
N SER A 394 17.67 -2.62 -1.08
CA SER A 394 16.98 -3.88 -1.29
C SER A 394 16.37 -3.89 -2.70
N LYS A 395 16.66 -4.95 -3.46
CA LYS A 395 16.21 -5.11 -4.83
C LYS A 395 15.49 -6.43 -4.93
N PHE A 396 14.28 -6.40 -5.45
CA PHE A 396 13.48 -7.59 -5.60
C PHE A 396 12.30 -7.38 -6.54
N THR A 397 11.73 -8.49 -6.98
CA THR A 397 10.52 -8.48 -7.82
C THR A 397 9.37 -8.97 -6.96
N ALA A 398 8.29 -8.20 -6.89
CA ALA A 398 7.14 -8.57 -6.08
C ALA A 398 6.59 -9.94 -6.48
N MET A 399 6.03 -10.61 -5.49
CA MET A 399 5.47 -11.98 -5.66
C MET A 399 4.43 -12.08 -6.81
N TYR A 400 3.67 -11.00 -7.00
CA TYR A 400 2.67 -10.93 -8.07
C TYR A 400 3.23 -11.32 -9.43
N TYR A 401 4.50 -11.04 -9.67
CA TYR A 401 5.13 -11.34 -10.96
C TYR A 401 5.59 -12.79 -11.12
N ALA A 402 5.51 -13.57 -10.06
CA ALA A 402 5.97 -14.95 -10.09
C ALA A 402 5.24 -15.79 -11.13
N MET A 403 3.97 -15.51 -11.33
CA MET A 403 3.14 -16.23 -12.32
C MET A 403 3.23 -15.64 -13.72
N LEU A 404 4.09 -14.63 -13.90
CA LEU A 404 4.14 -13.90 -15.16
C LEU A 404 5.52 -13.92 -15.79
N SER A 405 5.54 -13.73 -17.12
CA SER A 405 6.77 -13.56 -17.86
C SER A 405 7.20 -12.08 -17.72
N GLU A 406 6.25 -11.18 -17.74
CA GLU A 406 6.70 -9.81 -17.57
C GLU A 406 6.90 -9.51 -16.08
N LYS A 407 7.87 -8.66 -15.86
CA LYS A 407 8.35 -8.32 -14.53
C LYS A 407 8.36 -6.81 -14.31
N SER A 408 8.42 -6.41 -13.04
CA SER A 408 8.51 -5.02 -12.62
C SER A 408 9.42 -4.99 -11.39
N PRO A 409 10.27 -3.96 -11.28
CA PRO A 409 11.20 -3.85 -10.16
C PRO A 409 10.65 -3.20 -8.92
N THR A 410 11.17 -3.61 -7.77
CA THR A 410 10.96 -2.93 -6.51
C THR A 410 12.35 -2.60 -5.93
N ARG A 411 12.53 -1.33 -5.57
CA ARG A 411 13.83 -0.85 -5.09
C ARG A 411 13.65 0.08 -3.90
N TYR A 412 14.19 -0.34 -2.75
CA TYR A 412 14.03 0.42 -1.52
C TYR A 412 15.39 0.89 -1.07
N LYS A 413 15.47 2.15 -0.68
CA LYS A 413 16.71 2.71 -0.16
C LYS A 413 16.42 3.47 1.13
N ILE A 414 17.11 3.10 2.21
CA ILE A 414 17.07 3.86 3.46
C ILE A 414 18.39 4.57 3.67
N VAL A 415 18.34 5.89 3.73
CA VAL A 415 19.56 6.65 3.98
C VAL A 415 19.65 7.04 5.46
N CYS A 416 20.73 6.61 6.12
CA CYS A 416 20.93 6.88 7.53
C CYS A 416 22.13 7.80 7.81
N ALA A 417 21.99 8.62 8.86
CA ALA A 417 23.01 9.58 9.29
C ALA A 417 23.32 9.44 10.78
N GLY A 418 24.61 9.56 11.14
CA GLY A 418 25.02 9.55 12.53
C GLY A 418 25.22 8.16 13.09
N PRO A 419 25.71 8.08 14.32
CA PRO A 419 26.03 6.78 14.94
C PRO A 419 24.78 6.03 15.37
N ASN A 420 23.65 6.73 15.44
CA ASN A 420 22.35 6.11 15.73
C ASN A 420 21.58 5.72 14.47
N GLU A 421 22.16 6.00 13.30
CA GLU A 421 21.57 5.64 12.02
C GLU A 421 20.15 6.23 11.92
N LYS A 422 20.06 7.50 12.26
CA LYS A 422 18.81 8.22 12.09
C LYS A 422 18.43 8.17 10.61
N VAL A 423 17.18 7.80 10.33
CA VAL A 423 16.70 7.76 8.94
C VAL A 423 16.48 9.20 8.48
N VAL A 424 17.29 9.64 7.55
CA VAL A 424 17.18 11.00 7.01
C VAL A 424 16.63 10.99 5.58
N GLY A 425 16.55 9.80 4.97
CA GLY A 425 15.95 9.62 3.66
C GLY A 425 15.39 8.21 3.44
N LEU A 426 14.22 8.13 2.81
CA LEU A 426 13.59 6.88 2.45
C LEU A 426 13.08 7.05 1.04
N HIS A 427 13.53 6.19 0.14
CA HIS A 427 13.24 6.31 -1.28
C HIS A 427 12.86 4.97 -1.84
N ILE A 428 11.67 4.89 -2.41
CA ILE A 428 11.14 3.61 -2.86
C ILE A 428 10.53 3.69 -4.25
N VAL A 429 10.65 2.57 -4.95
CA VAL A 429 10.16 2.38 -6.29
C VAL A 429 9.53 1.00 -6.31
N GLY A 430 8.33 0.90 -6.84
CA GLY A 430 7.68 -0.39 -6.95
C GLY A 430 6.20 -0.33 -6.69
N ASP A 431 5.49 -1.39 -7.08
CA ASP A 431 4.04 -1.44 -6.86
C ASP A 431 3.72 -1.18 -5.39
N SER A 432 2.64 -0.45 -5.17
CA SER A 432 2.15 -0.11 -3.82
C SER A 432 2.95 0.96 -3.07
N SER A 433 4.00 1.51 -3.68
CA SER A 433 4.85 2.47 -3.01
C SER A 433 4.06 3.68 -2.50
N ALA A 434 3.09 4.12 -3.30
CA ALA A 434 2.28 5.27 -2.98
C ALA A 434 1.55 5.10 -1.65
N GLU A 435 1.07 3.89 -1.41
CA GLU A 435 0.30 3.59 -0.21
C GLU A 435 1.21 3.17 0.96
N ILE A 436 2.34 2.56 0.66
CA ILE A 436 3.31 2.16 1.68
C ILE A 436 3.97 3.30 2.46
N LEU A 437 4.30 4.38 1.77
CA LEU A 437 5.13 5.44 2.30
C LEU A 437 4.53 6.16 3.54
N GLN A 438 3.25 6.48 3.50
CA GLN A 438 2.62 7.31 4.54
C GLN A 438 3.03 6.92 5.94
N GLY A 439 2.83 5.66 6.31
CA GLY A 439 3.13 5.22 7.66
C GLY A 439 4.59 5.43 8.03
N PHE A 440 5.48 5.14 7.09
CA PHE A 440 6.89 5.38 7.30
C PHE A 440 7.17 6.86 7.45
N GLY A 441 6.37 7.70 6.81
CA GLY A 441 6.48 9.13 6.95
C GLY A 441 6.21 9.55 8.39
N VAL A 442 5.19 8.95 8.99
CA VAL A 442 4.83 9.25 10.38
C VAL A 442 5.98 8.89 11.33
N ALA A 443 6.63 7.75 11.07
CA ALA A 443 7.73 7.29 11.90
C ALA A 443 8.97 8.19 11.75
N ILE A 444 9.21 8.68 10.54
CA ILE A 444 10.34 9.56 10.28
C ILE A 444 10.14 10.92 10.98
N LYS A 445 8.90 11.41 10.98
CA LYS A 445 8.59 12.67 11.68
C LYS A 445 8.66 12.50 13.19
N MET A 446 8.70 11.25 13.62
CA MET A 446 8.90 10.93 15.03
C MET A 446 10.38 10.78 15.36
N GLY A 447 11.23 10.85 14.36
CA GLY A 447 12.67 10.72 14.56
C GLY A 447 13.17 9.29 14.43
N ALA A 448 12.47 8.46 13.65
CA ALA A 448 12.87 7.06 13.50
C ALA A 448 14.34 6.83 13.11
N THR A 449 14.97 5.86 13.76
CA THR A 449 16.28 5.36 13.38
C THR A 449 16.07 4.03 12.67
N LYS A 450 17.14 3.47 12.11
CA LYS A 450 17.10 2.15 11.50
C LYS A 450 16.61 1.12 12.52
N ALA A 451 17.07 1.23 13.75
CA ALA A 451 16.68 0.30 14.81
C ALA A 451 15.16 0.36 15.03
N ASP A 452 14.59 1.53 14.84
CA ASP A 452 13.15 1.69 14.94
C ASP A 452 12.43 0.96 13.80
N PHE A 453 12.93 1.06 12.57
CA PHE A 453 12.36 0.32 11.44
C PHE A 453 12.38 -1.17 11.74
N ASP A 454 13.53 -1.62 12.27
CA ASP A 454 13.69 -3.00 12.66
C ASP A 454 12.86 -3.42 13.85
N ASN A 455 12.29 -2.47 14.60
CA ASN A 455 11.56 -2.81 15.83
C ASN A 455 10.06 -3.09 15.67
N CYS A 456 9.62 -3.27 14.45
CA CYS A 456 8.26 -3.73 14.16
C CYS A 456 8.39 -5.01 13.40
N VAL A 457 7.65 -6.02 13.84
CA VAL A 457 7.61 -7.30 13.14
C VAL A 457 7.02 -7.11 11.74
N ALA A 458 7.55 -7.86 10.79
CA ALA A 458 7.14 -7.81 9.41
C ALA A 458 5.74 -8.37 9.19
N ILE A 459 5.13 -7.97 8.07
CA ILE A 459 3.86 -8.51 7.59
C ILE A 459 4.15 -9.32 6.34
N HIS A 460 3.83 -10.61 6.39
CA HIS A 460 4.13 -11.50 5.27
C HIS A 460 2.83 -12.07 4.69
N PRO A 461 2.76 -12.17 3.36
CA PRO A 461 3.70 -11.58 2.41
C PRO A 461 3.23 -10.23 1.86
N THR A 462 4.16 -9.28 1.84
CA THR A 462 3.93 -7.94 1.31
C THR A 462 5.23 -7.42 0.76
N SER A 463 5.20 -6.28 0.09
CA SER A 463 6.43 -5.63 -0.31
C SER A 463 6.99 -4.80 0.87
N ALA A 464 6.11 -4.09 1.58
CA ALA A 464 6.48 -3.18 2.69
C ALA A 464 7.41 -3.85 3.70
N GLU A 465 7.13 -5.10 3.95
CA GLU A 465 7.87 -6.00 4.81
C GLU A 465 9.39 -5.81 4.68
N GLU A 466 9.85 -5.62 3.46
CA GLU A 466 11.28 -5.48 3.19
C GLU A 466 11.92 -4.31 3.92
N LEU A 467 11.13 -3.27 4.18
CA LEU A 467 11.63 -2.06 4.86
C LEU A 467 11.97 -2.24 6.34
N VAL A 468 11.45 -3.30 6.96
CA VAL A 468 11.70 -3.53 8.38
C VAL A 468 12.61 -4.73 8.60
N THR A 469 13.12 -5.34 7.52
CA THR A 469 14.03 -6.47 7.61
C THR A 469 15.25 -6.31 6.66
N MET A 470 16.00 -5.15 6.60
CA MET A 470 17.08 -4.87 5.59
C MET A 470 18.58 -5.13 5.94
N ARG A 471 19.45 -5.29 4.85
CA ARG A 471 20.96 -5.52 4.83
C ARG A 471 21.53 -5.88 6.20
N LYS B 10 27.13 -37.20 13.64
CA LYS B 10 26.70 -37.72 14.97
C LYS B 10 26.37 -36.62 16.00
N HIS B 11 27.32 -35.73 16.28
CA HIS B 11 27.09 -34.68 17.30
C HIS B 11 27.15 -33.25 16.75
N TYR B 12 26.17 -32.42 17.14
CA TYR B 12 26.10 -31.03 16.68
C TYR B 12 25.94 -30.06 17.81
N ASP B 13 26.20 -28.78 17.53
CA ASP B 13 25.97 -27.73 18.54
C ASP B 13 24.46 -27.45 18.64
N TYR B 14 23.80 -27.45 17.50
CA TYR B 14 22.39 -27.09 17.39
C TYR B 14 21.71 -28.05 16.44
N LEU B 15 20.63 -28.64 16.91
CA LEU B 15 19.81 -29.52 16.10
C LEU B 15 18.40 -28.94 16.11
N VAL B 16 17.86 -28.68 14.93
CA VAL B 16 16.55 -28.09 14.77
C VAL B 16 15.57 -29.09 14.16
N ILE B 17 14.49 -29.37 14.89
CA ILE B 17 13.45 -30.25 14.40
C ILE B 17 12.34 -29.40 13.78
N GLY B 18 12.28 -29.42 12.45
CA GLY B 18 11.28 -28.70 11.69
C GLY B 18 11.93 -27.75 10.72
N GLY B 19 11.77 -28.02 9.44
CA GLY B 19 12.26 -27.13 8.40
C GLY B 19 11.30 -26.04 7.97
N GLY B 20 10.52 -25.48 8.88
CA GLY B 20 9.60 -24.41 8.51
C GLY B 20 10.12 -22.99 8.73
N SER B 21 9.21 -22.04 8.94
CA SER B 21 9.59 -20.64 9.06
C SER B 21 10.58 -20.40 10.20
N GLY B 22 10.24 -20.85 11.39
CA GLY B 22 11.10 -20.67 12.55
C GLY B 22 12.34 -21.54 12.50
N GLY B 23 12.16 -22.81 12.17
CA GLY B 23 13.28 -23.72 12.11
C GLY B 23 14.37 -23.27 11.15
N VAL B 24 13.98 -22.90 9.94
CA VAL B 24 14.94 -22.49 8.93
C VAL B 24 15.66 -21.22 9.39
N ALA B 25 14.91 -20.21 9.79
CA ALA B 25 15.51 -18.94 10.23
C ALA B 25 16.50 -19.15 11.37
N SER B 26 16.13 -19.98 12.33
CA SER B 26 16.92 -20.19 13.53
C SER B 26 18.20 -20.95 13.20
N ALA B 27 18.08 -22.01 12.40
CA ALA B 27 19.22 -22.80 11.96
C ALA B 27 20.22 -21.93 11.26
N ARG B 28 19.72 -21.14 10.32
CA ARG B 28 20.56 -20.24 9.58
C ARG B 28 21.28 -19.21 10.47
N ARG B 29 20.57 -18.63 11.43
CA ARG B 29 21.20 -17.64 12.30
C ARG B 29 22.31 -18.29 13.15
N ALA B 30 22.05 -19.50 13.62
CA ALA B 30 23.01 -20.21 14.44
C ALA B 30 24.25 -20.49 13.63
N ALA B 31 24.08 -20.98 12.41
CA ALA B 31 25.20 -21.31 11.58
C ALA B 31 26.00 -20.06 11.23
N SER B 32 25.32 -18.93 11.06
CA SER B 32 26.00 -17.67 10.79
C SER B 32 27.03 -17.31 11.85
N TYR B 33 26.78 -17.77 13.07
CA TYR B 33 27.65 -17.52 14.22
C TYR B 33 28.67 -18.63 14.41
N GLY B 34 28.66 -19.62 13.52
CA GLY B 34 29.54 -20.73 13.63
C GLY B 34 28.99 -21.65 14.70
N ALA B 35 28.34 -22.69 14.25
CA ALA B 35 27.75 -23.64 15.12
C ALA B 35 27.37 -24.77 14.20
N LYS B 36 27.96 -25.92 14.44
CA LYS B 36 27.63 -27.11 13.67
C LYS B 36 26.13 -27.33 13.91
N THR B 37 25.35 -27.17 12.85
CA THR B 37 23.90 -27.18 12.92
C THR B 37 23.30 -28.25 12.02
N LEU B 38 22.35 -28.97 12.56
CA LEU B 38 21.58 -29.96 11.82
C LEU B 38 20.13 -29.53 11.79
N LEU B 39 19.52 -29.54 10.60
CA LEU B 39 18.10 -29.27 10.44
C LEU B 39 17.42 -30.51 9.89
N VAL B 40 16.34 -30.94 10.54
CA VAL B 40 15.60 -32.11 10.10
C VAL B 40 14.16 -31.75 9.67
N GLU B 41 13.83 -32.07 8.43
CA GLU B 41 12.50 -31.78 7.86
C GLU B 41 11.92 -33.06 7.24
N ALA B 42 10.69 -33.36 7.61
CA ALA B 42 10.03 -34.56 7.13
C ALA B 42 9.45 -34.45 5.74
N LYS B 43 9.11 -33.23 5.31
CA LYS B 43 8.46 -33.01 4.02
C LYS B 43 9.27 -32.08 3.11
N ALA B 44 8.95 -30.80 3.17
CA ALA B 44 9.56 -29.82 2.31
C ALA B 44 9.99 -28.61 3.10
N LEU B 45 11.14 -28.07 2.72
CA LEU B 45 11.66 -26.88 3.37
C LEU B 45 10.75 -25.68 3.13
N GLY B 46 10.64 -24.83 4.13
CA GLY B 46 9.76 -23.68 4.08
C GLY B 46 8.49 -23.91 4.88
N GLY B 47 8.26 -25.15 5.27
CA GLY B 47 7.15 -25.47 6.13
C GLY B 47 5.79 -25.10 5.59
N THR B 48 4.87 -24.81 6.52
CA THR B 48 3.49 -24.43 6.21
C THR B 48 3.35 -23.20 5.29
N CYS B 49 4.11 -22.16 5.56
CA CYS B 49 4.02 -20.92 4.83
C CYS B 49 4.31 -21.10 3.35
N VAL B 50 5.46 -21.67 3.05
CA VAL B 50 5.88 -21.82 1.68
C VAL B 50 5.07 -22.82 0.90
N ASN B 51 4.75 -23.94 1.55
CA ASN B 51 4.10 -25.05 0.84
C ASN B 51 2.58 -25.04 0.81
N VAL B 52 1.95 -24.72 1.91
CA VAL B 52 0.50 -24.78 2.04
C VAL B 52 -0.01 -23.63 2.90
N GLY B 53 0.61 -22.47 2.75
CA GLY B 53 0.29 -21.33 3.58
C GLY B 53 0.42 -20.01 2.86
N CYS B 54 1.15 -19.09 3.46
CA CYS B 54 1.25 -17.71 2.97
C CYS B 54 1.49 -17.61 1.46
N VAL B 55 2.46 -18.35 0.97
CA VAL B 55 2.85 -18.24 -0.43
C VAL B 55 1.75 -18.65 -1.38
N PRO B 56 1.40 -19.93 -1.46
CA PRO B 56 0.35 -20.34 -2.39
C PRO B 56 -1.01 -19.65 -2.13
N LYS B 57 -1.33 -19.31 -0.88
CA LYS B 57 -2.57 -18.56 -0.65
C LYS B 57 -2.57 -17.18 -1.30
N LYS B 58 -1.44 -16.49 -1.26
CA LYS B 58 -1.34 -15.15 -1.83
C LYS B 58 -1.35 -15.19 -3.37
N VAL B 59 -0.73 -16.20 -3.96
CA VAL B 59 -0.75 -16.40 -5.39
C VAL B 59 -2.19 -16.60 -5.87
N MET B 60 -2.94 -17.41 -5.14
CA MET B 60 -4.34 -17.61 -5.47
C MET B 60 -5.09 -16.30 -5.24
N TRP B 61 -4.71 -15.59 -4.20
CA TRP B 61 -5.33 -14.29 -3.92
C TRP B 61 -5.14 -13.36 -5.10
N TYR B 62 -3.94 -13.35 -5.67
CA TYR B 62 -3.67 -12.48 -6.80
C TYR B 62 -4.58 -12.81 -7.98
N ALA B 63 -4.84 -14.10 -8.21
CA ALA B 63 -5.71 -14.56 -9.29
C ALA B 63 -7.15 -14.07 -9.09
N SER B 64 -7.64 -14.27 -7.87
CA SER B 64 -8.97 -13.84 -7.49
C SER B 64 -9.10 -12.34 -7.69
N ASP B 65 -8.10 -11.63 -7.21
CA ASP B 65 -8.07 -10.19 -7.27
C ASP B 65 -8.13 -9.70 -8.73
N LEU B 66 -7.32 -10.33 -9.59
CA LEU B 66 -7.28 -9.93 -10.99
C LEU B 66 -8.63 -10.21 -11.67
N ALA B 67 -9.25 -11.34 -11.32
CA ALA B 67 -10.54 -11.71 -11.90
C ALA B 67 -11.50 -10.57 -11.67
N THR B 68 -11.51 -10.05 -10.45
CA THR B 68 -12.40 -8.94 -10.14
C THR B 68 -12.05 -7.70 -10.93
N ARG B 69 -10.76 -7.39 -11.03
CA ARG B 69 -10.33 -6.18 -11.71
C ARG B 69 -10.71 -6.18 -13.18
N VAL B 70 -10.59 -7.33 -13.82
CA VAL B 70 -10.95 -7.48 -15.24
C VAL B 70 -12.40 -7.07 -15.45
N SER B 71 -13.25 -7.39 -14.49
CA SER B 71 -14.67 -7.02 -14.57
C SER B 71 -14.92 -5.53 -14.46
N HIS B 72 -13.86 -4.75 -14.23
CA HIS B 72 -13.97 -3.29 -14.13
C HIS B 72 -13.45 -2.62 -15.38
N ALA B 73 -12.75 -3.38 -16.22
CA ALA B 73 -12.02 -2.83 -17.34
C ALA B 73 -12.91 -2.14 -18.35
N ASN B 74 -14.00 -2.77 -18.72
CA ASN B 74 -14.90 -2.20 -19.72
C ASN B 74 -15.34 -0.80 -19.27
N GLU B 75 -15.70 -0.64 -18.01
CA GLU B 75 -16.09 0.66 -17.51
C GLU B 75 -14.99 1.63 -17.47
N TYR B 76 -13.82 1.09 -17.27
CA TYR B 76 -12.64 1.94 -17.35
C TYR B 76 -12.28 2.22 -18.83
N GLY B 77 -13.21 1.91 -19.74
CA GLY B 77 -13.03 2.15 -21.16
C GLY B 77 -12.19 1.15 -21.93
N LEU B 78 -11.82 0.03 -21.30
CA LEU B 78 -10.84 -0.88 -21.91
C LEU B 78 -11.48 -2.11 -22.53
N TYR B 79 -10.89 -2.54 -23.65
CA TYR B 79 -11.32 -3.76 -24.33
C TYR B 79 -12.83 -3.85 -24.51
N GLN B 80 -13.46 -2.77 -24.96
CA GLN B 80 -14.92 -2.73 -25.02
C GLN B 80 -15.60 -3.66 -26.01
N ASN B 81 -14.83 -4.29 -26.93
CA ASN B 81 -15.41 -5.24 -27.88
C ASN B 81 -15.54 -6.61 -27.22
N LEU B 82 -14.95 -6.76 -26.03
CA LEU B 82 -14.93 -8.02 -25.31
C LEU B 82 -15.86 -7.97 -24.11
N PRO B 83 -16.55 -9.07 -23.84
CA PRO B 83 -17.52 -9.09 -22.73
C PRO B 83 -16.78 -9.46 -21.44
N LEU B 84 -16.13 -8.47 -20.83
CA LEU B 84 -15.33 -8.75 -19.65
C LEU B 84 -16.18 -8.60 -18.42
N ASP B 85 -17.07 -9.56 -18.21
CA ASP B 85 -18.03 -9.52 -17.11
C ASP B 85 -18.04 -10.85 -16.38
N LYS B 86 -18.78 -10.87 -15.28
CA LYS B 86 -18.89 -12.06 -14.44
C LYS B 86 -19.37 -13.27 -15.24
N GLU B 87 -20.27 -13.03 -16.19
CA GLU B 87 -20.92 -14.10 -16.94
C GLU B 87 -19.92 -14.84 -17.81
N HIS B 88 -18.91 -14.14 -18.32
CA HIS B 88 -17.91 -14.74 -19.20
C HIS B 88 -16.61 -15.16 -18.49
N LEU B 89 -16.57 -14.99 -17.18
CA LEU B 89 -15.43 -15.37 -16.37
C LEU B 89 -15.06 -16.82 -16.47
N THR B 90 -13.79 -17.11 -16.81
CA THR B 90 -13.28 -18.47 -16.84
C THR B 90 -11.95 -18.47 -16.13
N PHE B 91 -11.65 -19.54 -15.41
CA PHE B 91 -10.40 -19.69 -14.71
C PHE B 91 -9.86 -21.10 -14.96
N ASN B 92 -8.67 -21.21 -15.50
CA ASN B 92 -8.08 -22.49 -15.79
C ASN B 92 -7.36 -23.00 -14.55
N TRP B 93 -8.14 -23.59 -13.64
CA TRP B 93 -7.66 -24.04 -12.35
C TRP B 93 -6.51 -25.06 -12.45
N PRO B 94 -6.64 -26.09 -13.30
CA PRO B 94 -5.58 -27.08 -13.45
C PRO B 94 -4.25 -26.46 -13.88
N GLU B 95 -4.26 -25.66 -14.93
CA GLU B 95 -3.03 -25.01 -15.38
C GLU B 95 -2.45 -24.05 -14.33
N PHE B 96 -3.32 -23.30 -13.65
CA PHE B 96 -2.81 -22.33 -12.69
C PHE B 96 -2.21 -23.07 -11.53
N LYS B 97 -2.82 -24.21 -11.21
CA LYS B 97 -2.35 -25.03 -10.13
C LYS B 97 -0.92 -25.46 -10.44
N GLN B 98 -0.65 -25.88 -11.69
CA GLN B 98 0.69 -26.32 -12.04
C GLN B 98 1.72 -25.25 -11.83
N LYS B 99 1.41 -24.03 -12.28
CA LYS B 99 2.35 -22.91 -12.18
C LYS B 99 2.65 -22.58 -10.73
N ARG B 100 1.60 -22.63 -9.92
CA ARG B 100 1.69 -22.38 -8.49
C ARG B 100 2.62 -23.41 -7.84
N ASP B 101 2.46 -24.68 -8.22
CA ASP B 101 3.26 -25.75 -7.68
C ASP B 101 4.70 -25.59 -8.14
N ALA B 102 4.86 -25.16 -9.38
CA ALA B 102 6.19 -24.97 -9.92
C ALA B 102 6.92 -23.89 -9.10
N TYR B 103 6.23 -22.81 -8.79
CA TYR B 103 6.80 -21.71 -8.01
C TYR B 103 7.17 -22.18 -6.61
N VAL B 104 6.28 -22.92 -5.97
CA VAL B 104 6.58 -23.45 -4.65
C VAL B 104 7.78 -24.39 -4.69
N HIS B 105 7.84 -25.25 -5.70
CA HIS B 105 8.97 -26.17 -5.90
C HIS B 105 10.30 -25.40 -6.08
N ARG B 106 10.29 -24.31 -6.83
CA ARG B 106 11.48 -23.48 -6.98
C ARG B 106 11.91 -22.91 -5.61
N LEU B 107 10.94 -22.47 -4.82
CA LEU B 107 11.27 -21.96 -3.48
C LEU B 107 11.92 -23.05 -2.57
N ASN B 108 11.43 -24.28 -2.66
CA ASN B 108 12.05 -25.36 -1.91
C ASN B 108 13.53 -25.44 -2.28
N GLY B 109 13.81 -25.47 -3.59
CA GLY B 109 15.14 -25.54 -4.12
C GLY B 109 16.04 -24.44 -3.60
N ILE B 110 15.55 -23.21 -3.64
CA ILE B 110 16.26 -22.05 -3.14
C ILE B 110 16.60 -22.23 -1.65
N TYR B 111 15.62 -22.68 -0.85
CA TYR B 111 15.85 -22.90 0.57
C TYR B 111 16.97 -23.91 0.79
N GLN B 112 16.87 -25.06 0.13
CA GLN B 112 17.89 -26.10 0.20
C GLN B 112 19.26 -25.61 -0.24
N LYS B 113 19.26 -24.73 -1.23
CA LYS B 113 20.49 -24.16 -1.76
C LYS B 113 21.11 -23.25 -0.71
N ASN B 114 20.30 -22.38 -0.12
CA ASN B 114 20.79 -21.44 0.89
C ASN B 114 21.34 -22.17 2.11
N LEU B 115 20.62 -23.15 2.61
CA LEU B 115 21.04 -23.85 3.81
C LEU B 115 22.39 -24.52 3.60
N GLU B 116 22.57 -25.14 2.44
CA GLU B 116 23.86 -25.77 2.09
C GLU B 116 24.99 -24.74 2.03
N LYS B 117 24.72 -23.58 1.46
CA LYS B 117 25.70 -22.51 1.31
C LYS B 117 26.05 -21.83 2.63
N GLU B 118 25.13 -21.88 3.59
CA GLU B 118 25.32 -21.28 4.92
C GLU B 118 25.79 -22.33 5.91
N LYS B 119 26.08 -23.51 5.36
CA LYS B 119 26.61 -24.64 6.07
C LYS B 119 25.76 -25.20 7.22
N VAL B 120 24.51 -25.42 6.92
CA VAL B 120 23.61 -26.07 7.82
C VAL B 120 23.45 -27.46 7.21
N ASP B 121 23.61 -28.50 7.99
CA ASP B 121 23.36 -29.82 7.46
C ASP B 121 21.86 -30.06 7.41
N VAL B 122 21.35 -30.61 6.32
CA VAL B 122 19.93 -30.86 6.19
C VAL B 122 19.62 -32.34 5.98
N VAL B 123 18.73 -32.86 6.78
CA VAL B 123 18.32 -34.24 6.68
C VAL B 123 16.81 -34.35 6.60
N PHE B 124 16.33 -35.21 5.70
CA PHE B 124 14.92 -35.44 5.52
C PHE B 124 14.50 -36.72 6.18
N GLY B 125 13.57 -36.60 7.12
CA GLY B 125 13.05 -37.73 7.82
C GLY B 125 12.20 -37.32 8.99
N TRP B 126 11.59 -38.30 9.64
CA TRP B 126 10.84 -38.04 10.84
C TRP B 126 11.78 -38.07 12.05
N ALA B 127 11.89 -36.95 12.75
CA ALA B 127 12.71 -36.86 13.95
C ALA B 127 11.88 -37.12 15.19
N ARG B 128 12.48 -37.81 16.14
CA ARG B 128 11.83 -38.11 17.41
C ARG B 128 12.87 -38.22 18.51
N PHE B 129 12.48 -37.85 19.72
CA PHE B 129 13.36 -37.99 20.87
C PHE B 129 13.39 -39.42 21.38
N ASN B 130 14.59 -39.94 21.69
CA ASN B 130 14.67 -41.26 22.34
C ASN B 130 14.87 -41.02 23.83
N LYS B 131 14.86 -42.09 24.62
CA LYS B 131 14.97 -42.00 26.07
C LYS B 131 16.29 -41.36 26.58
N ASP B 132 17.37 -41.58 25.84
CA ASP B 132 18.68 -41.03 26.19
C ASP B 132 18.75 -39.51 26.04
N GLY B 133 17.78 -38.92 25.34
CA GLY B 133 17.74 -37.48 25.12
C GLY B 133 18.28 -37.08 23.77
N ASN B 134 18.60 -38.08 22.95
CA ASN B 134 19.06 -37.85 21.59
C ASN B 134 17.89 -37.88 20.57
N VAL B 135 18.19 -37.61 19.31
CA VAL B 135 17.17 -37.53 18.25
C VAL B 135 17.39 -38.60 17.18
N GLU B 136 16.44 -39.53 17.09
CA GLU B 136 16.41 -40.52 16.02
C GLU B 136 15.67 -39.96 14.82
N VAL B 137 16.29 -40.05 13.66
CA VAL B 137 15.67 -39.58 12.43
C VAL B 137 15.46 -40.77 11.49
N GLN B 138 14.20 -41.12 11.19
CA GLN B 138 13.92 -42.16 10.22
C GLN B 138 14.02 -41.49 8.86
N LYS B 139 15.06 -41.85 8.11
CA LYS B 139 15.34 -41.20 6.85
C LYS B 139 14.50 -41.65 5.65
N ARG B 140 14.61 -40.86 4.59
CA ARG B 140 13.97 -41.08 3.30
C ARG B 140 14.90 -41.83 2.37
N ASP B 141 15.99 -42.36 2.94
CA ASP B 141 16.88 -43.22 2.21
C ASP B 141 16.79 -44.60 2.92
N ASN B 142 15.93 -44.64 3.98
CA ASN B 142 15.53 -45.84 4.78
C ASN B 142 16.52 -46.26 5.86
N THR B 143 17.33 -45.34 6.43
CA THR B 143 18.39 -45.80 7.35
C THR B 143 18.18 -45.64 8.89
N THR B 144 17.60 -44.55 9.36
CA THR B 144 17.48 -44.30 10.81
C THR B 144 18.87 -44.04 11.39
N GLU B 145 19.18 -42.80 11.66
CA GLU B 145 20.42 -42.41 12.29
C GLU B 145 20.05 -41.80 13.64
N VAL B 146 20.96 -41.84 14.60
CA VAL B 146 20.71 -41.18 15.87
C VAL B 146 21.69 -40.03 15.99
N TYR B 147 21.21 -38.87 16.44
CA TYR B 147 22.06 -37.69 16.56
C TYR B 147 22.00 -37.11 17.96
N SER B 148 23.09 -36.45 18.36
CA SER B 148 23.19 -35.75 19.63
C SER B 148 23.53 -34.29 19.37
N ALA B 149 23.19 -33.44 20.32
CA ALA B 149 23.46 -32.02 20.16
C ALA B 149 23.42 -31.33 21.50
N ASN B 150 24.12 -30.21 21.60
CA ASN B 150 24.13 -29.42 22.85
C ASN B 150 22.84 -28.65 23.03
N HIS B 151 22.18 -28.30 21.93
CA HIS B 151 20.97 -27.48 21.93
C HIS B 151 19.99 -27.97 20.88
N ILE B 152 18.72 -28.10 21.26
CA ILE B 152 17.68 -28.64 20.41
C ILE B 152 16.45 -27.74 20.37
N LEU B 153 16.05 -27.38 19.15
CA LEU B 153 14.88 -26.53 18.94
C LEU B 153 13.78 -27.38 18.33
N VAL B 154 12.63 -27.31 18.95
CA VAL B 154 11.46 -27.99 18.46
C VAL B 154 10.55 -26.94 17.84
N ALA B 155 10.52 -26.93 16.51
CA ALA B 155 9.71 -26.00 15.74
C ALA B 155 8.93 -26.78 14.67
N THR B 156 8.04 -27.66 15.14
CA THR B 156 7.29 -28.57 14.29
C THR B 156 5.97 -28.02 13.76
N GLY B 157 5.61 -26.82 14.18
CA GLY B 157 4.42 -26.15 13.67
C GLY B 157 3.13 -26.78 14.12
N GLY B 158 2.09 -26.57 13.30
CA GLY B 158 0.75 -27.02 13.62
C GLY B 158 0.15 -27.85 12.51
N LYS B 159 -1.16 -28.02 12.59
CA LYS B 159 -1.94 -28.80 11.64
C LYS B 159 -3.41 -28.50 11.87
N ALA B 160 -4.22 -28.61 10.84
CA ALA B 160 -5.66 -28.33 10.93
C ALA B 160 -6.40 -29.23 11.89
N ILE B 161 -7.39 -28.67 12.54
CA ILE B 161 -8.28 -29.40 13.42
C ILE B 161 -9.48 -29.91 12.59
N PHE B 162 -9.84 -31.18 12.81
CA PHE B 162 -11.05 -31.75 12.22
C PHE B 162 -12.12 -31.95 13.29
N PRO B 163 -13.39 -31.67 12.98
CA PRO B 163 -14.49 -31.83 13.93
C PRO B 163 -14.98 -33.28 13.94
N GLU B 164 -14.16 -34.14 14.54
CA GLU B 164 -14.38 -35.60 14.54
C GLU B 164 -15.66 -36.06 15.25
N ASN B 165 -16.27 -35.15 16.00
CA ASN B 165 -17.59 -35.37 16.60
C ASN B 165 -18.78 -35.25 15.61
N ILE B 166 -18.49 -34.87 14.37
CA ILE B 166 -19.50 -34.63 13.33
C ILE B 166 -19.52 -35.77 12.30
N PRO B 167 -20.61 -36.52 12.24
CA PRO B 167 -20.76 -37.61 11.27
C PRO B 167 -20.61 -37.10 9.86
N GLY B 168 -19.76 -37.72 9.06
CA GLY B 168 -19.46 -37.26 7.72
C GLY B 168 -18.31 -36.26 7.66
N PHE B 169 -17.69 -35.90 8.80
CA PHE B 169 -16.64 -34.87 8.85
C PHE B 169 -15.50 -35.16 7.89
N GLU B 170 -15.17 -36.45 7.73
CA GLU B 170 -14.10 -36.89 6.87
C GLU B 170 -14.38 -36.60 5.40
N LEU B 171 -15.63 -36.28 5.07
CA LEU B 171 -16.00 -35.93 3.71
C LEU B 171 -15.52 -34.54 3.33
N GLY B 172 -14.96 -33.81 4.27
CA GLY B 172 -14.38 -32.52 3.92
C GLY B 172 -12.90 -32.57 4.23
N THR B 173 -12.14 -31.60 3.71
CA THR B 173 -10.69 -31.50 3.94
C THR B 173 -10.39 -30.29 4.80
N ASP B 174 -9.12 -29.93 4.82
CA ASP B 174 -8.61 -28.75 5.47
C ASP B 174 -7.85 -27.89 4.46
N SER B 175 -7.22 -26.81 4.92
CA SER B 175 -6.57 -25.86 4.03
C SER B 175 -5.53 -26.56 3.17
N ASP B 176 -4.87 -27.59 3.72
CA ASP B 176 -3.91 -28.39 2.94
C ASP B 176 -4.63 -28.98 1.74
N GLY B 177 -5.82 -29.50 1.97
CA GLY B 177 -6.63 -30.06 0.91
C GLY B 177 -6.95 -29.04 -0.15
N PHE B 178 -7.17 -27.80 0.26
CA PHE B 178 -7.43 -26.72 -0.68
C PHE B 178 -6.34 -26.68 -1.73
N PHE B 179 -5.10 -26.74 -1.28
CA PHE B 179 -3.94 -26.65 -2.14
C PHE B 179 -3.70 -27.90 -2.98
N ARG B 180 -4.30 -29.03 -2.60
CA ARG B 180 -4.22 -30.25 -3.41
C ARG B 180 -5.27 -30.31 -4.52
N LEU B 181 -6.34 -29.52 -4.41
CA LEU B 181 -7.40 -29.50 -5.41
C LEU B 181 -6.82 -29.27 -6.80
N GLU B 182 -7.15 -30.17 -7.72
CA GLU B 182 -6.69 -30.10 -9.09
C GLU B 182 -7.74 -29.56 -10.05
N GLU B 183 -9.00 -29.52 -9.61
CA GLU B 183 -10.11 -28.95 -10.38
C GLU B 183 -10.88 -27.96 -9.47
N GLN B 184 -11.54 -26.98 -10.07
CA GLN B 184 -12.29 -25.99 -9.30
C GLN B 184 -13.68 -26.54 -8.95
N PRO B 185 -14.04 -26.51 -7.68
CA PRO B 185 -15.39 -26.86 -7.27
C PRO B 185 -16.39 -25.81 -7.70
N LYS B 186 -17.55 -26.25 -8.20
CA LYS B 186 -18.55 -25.29 -8.63
C LYS B 186 -19.24 -24.70 -7.41
N LYS B 187 -19.40 -25.51 -6.38
CA LYS B 187 -20.08 -25.12 -5.15
C LYS B 187 -19.25 -25.57 -3.96
N VAL B 188 -18.81 -24.61 -3.14
CA VAL B 188 -17.92 -24.84 -2.03
C VAL B 188 -18.50 -24.34 -0.73
N VAL B 189 -18.26 -25.10 0.33
CA VAL B 189 -18.64 -24.67 1.66
C VAL B 189 -17.37 -24.61 2.47
N VAL B 190 -17.13 -23.46 3.12
CA VAL B 190 -15.99 -23.23 3.99
C VAL B 190 -16.52 -22.99 5.40
N VAL B 191 -15.94 -23.68 6.39
CA VAL B 191 -16.44 -23.61 7.76
C VAL B 191 -15.43 -22.99 8.72
N GLY B 192 -15.84 -21.93 9.41
CA GLY B 192 -15.00 -21.23 10.37
C GLY B 192 -14.88 -19.77 10.04
N ALA B 193 -14.84 -18.92 11.06
CA ALA B 193 -14.77 -17.47 10.85
C ALA B 193 -13.35 -16.92 10.95
N GLY B 194 -12.36 -17.79 11.13
CA GLY B 194 -10.96 -17.37 11.25
C GLY B 194 -10.45 -16.78 9.95
N TYR B 195 -9.24 -16.24 9.98
CA TYR B 195 -8.73 -15.56 8.80
C TYR B 195 -8.47 -16.52 7.63
N ILE B 196 -8.06 -17.77 7.93
CA ILE B 196 -7.76 -18.71 6.85
C ILE B 196 -9.00 -18.98 6.00
N GLY B 197 -10.10 -19.26 6.68
CA GLY B 197 -11.34 -19.49 5.98
C GLY B 197 -11.85 -18.29 5.23
N ILE B 198 -11.71 -17.10 5.82
CA ILE B 198 -12.20 -15.88 5.20
C ILE B 198 -11.43 -15.66 3.93
N GLU B 199 -10.13 -15.95 3.95
CA GLU B 199 -9.30 -15.78 2.77
C GLU B 199 -9.66 -16.78 1.67
N LEU B 200 -9.79 -18.05 2.03
CA LEU B 200 -10.13 -19.07 1.04
C LEU B 200 -11.50 -18.81 0.42
N ALA B 201 -12.45 -18.37 1.23
CA ALA B 201 -13.80 -18.10 0.75
C ALA B 201 -13.77 -16.98 -0.28
N GLY B 202 -13.04 -15.90 0.04
CA GLY B 202 -12.82 -14.80 -0.88
C GLY B 202 -12.22 -15.26 -2.19
N VAL B 203 -11.23 -16.13 -2.13
CA VAL B 203 -10.56 -16.63 -3.33
C VAL B 203 -11.54 -17.44 -4.19
N PHE B 204 -12.20 -18.40 -3.56
CA PHE B 204 -13.18 -19.20 -4.29
C PHE B 204 -14.19 -18.32 -5.02
N HIS B 205 -14.73 -17.32 -4.32
CA HIS B 205 -15.80 -16.49 -4.86
C HIS B 205 -15.28 -15.58 -5.99
N GLY B 206 -14.10 -15.02 -5.79
CA GLY B 206 -13.49 -14.20 -6.81
C GLY B 206 -13.15 -14.96 -8.08
N LEU B 207 -13.02 -16.27 -7.96
CA LEU B 207 -12.71 -17.13 -9.09
C LEU B 207 -13.95 -17.76 -9.69
N GLY B 208 -15.13 -17.44 -9.15
CA GLY B 208 -16.34 -17.89 -9.81
C GLY B 208 -17.17 -19.00 -9.16
N SER B 209 -16.66 -19.64 -8.11
CA SER B 209 -17.38 -20.69 -7.46
C SER B 209 -18.54 -20.16 -6.61
N GLU B 210 -19.70 -20.81 -6.63
CA GLU B 210 -20.73 -20.48 -5.67
C GLU B 210 -20.14 -20.81 -4.29
N THR B 211 -20.08 -19.84 -3.38
CA THR B 211 -19.32 -19.98 -2.17
C THR B 211 -20.16 -19.75 -0.92
N HIS B 212 -20.04 -20.67 0.02
CA HIS B 212 -20.74 -20.63 1.30
C HIS B 212 -19.72 -20.65 2.43
N LEU B 213 -19.98 -19.88 3.47
CA LEU B 213 -19.10 -19.74 4.60
C LEU B 213 -19.96 -19.96 5.83
N VAL B 214 -19.60 -20.93 6.67
CA VAL B 214 -20.42 -21.28 7.83
C VAL B 214 -19.75 -20.84 9.12
N ILE B 215 -20.49 -20.03 9.91
CA ILE B 215 -19.96 -19.45 11.15
C ILE B 215 -20.98 -19.55 12.29
N ARG B 216 -20.45 -19.72 13.50
CA ARG B 216 -21.21 -19.86 14.72
C ARG B 216 -21.94 -18.60 15.14
N GLY B 217 -21.34 -17.45 14.89
CA GLY B 217 -21.93 -16.21 15.35
C GLY B 217 -22.54 -15.39 14.23
N GLU B 218 -22.73 -14.12 14.49
CA GLU B 218 -23.33 -13.18 13.54
C GLU B 218 -22.29 -12.56 12.62
N THR B 219 -21.03 -12.71 12.99
CA THR B 219 -19.94 -12.05 12.29
C THR B 219 -18.67 -12.88 12.15
N VAL B 220 -17.88 -12.58 11.12
CA VAL B 220 -16.61 -13.29 10.90
C VAL B 220 -15.47 -12.64 11.71
N LEU B 221 -14.33 -13.28 11.72
CA LEU B 221 -13.10 -12.75 12.32
C LEU B 221 -13.31 -12.24 13.75
N ARG B 222 -13.80 -13.12 14.60
CA ARG B 222 -14.18 -12.76 15.97
C ARG B 222 -13.00 -12.36 16.86
N LYS B 223 -11.79 -12.72 16.45
CA LYS B 223 -10.61 -12.29 17.20
C LYS B 223 -10.22 -10.83 16.94
N PHE B 224 -10.79 -10.22 15.92
CA PHE B 224 -10.41 -8.87 15.57
C PHE B 224 -11.44 -7.85 16.02
N ASP B 225 -11.04 -6.58 15.98
CA ASP B 225 -11.92 -5.47 16.32
C ASP B 225 -13.22 -5.60 15.52
N GLU B 226 -14.33 -5.20 16.14
CA GLU B 226 -15.67 -5.30 15.52
C GLU B 226 -15.78 -4.58 14.19
N CYS B 227 -14.98 -3.53 13.97
CA CYS B 227 -15.02 -2.79 12.72
C CYS B 227 -14.57 -3.71 11.59
N ILE B 228 -13.56 -4.53 11.87
CA ILE B 228 -13.10 -5.49 10.87
C ILE B 228 -14.17 -6.58 10.66
N GLN B 229 -14.72 -7.05 11.77
CA GLN B 229 -15.73 -8.08 11.75
C GLN B 229 -16.94 -7.69 10.92
N ASN B 230 -17.45 -6.49 11.16
CA ASN B 230 -18.68 -6.06 10.52
C ASN B 230 -18.49 -5.75 9.06
N THR B 231 -17.37 -5.12 8.74
CA THR B 231 -17.16 -4.68 7.37
C THR B 231 -16.95 -5.87 6.45
N ILE B 232 -16.18 -6.85 6.90
CA ILE B 232 -15.92 -8.02 6.08
C ILE B 232 -17.15 -8.94 6.02
N THR B 233 -17.84 -9.07 7.13
CA THR B 233 -19.08 -9.84 7.14
C THR B 233 -20.05 -9.25 6.12
N ASP B 234 -20.31 -7.97 6.23
CA ASP B 234 -21.33 -7.29 5.42
C ASP B 234 -20.94 -7.29 3.94
N HIS B 235 -19.67 -6.98 3.65
CA HIS B 235 -19.23 -6.99 2.27
C HIS B 235 -19.26 -8.38 1.66
N TYR B 236 -18.95 -9.42 2.43
CA TYR B 236 -18.97 -10.78 1.87
C TYR B 236 -20.40 -11.15 1.46
N VAL B 237 -21.36 -10.85 2.33
CA VAL B 237 -22.76 -11.08 2.03
C VAL B 237 -23.18 -10.28 0.80
N LYS B 238 -22.90 -8.99 0.81
CA LYS B 238 -23.30 -8.12 -0.30
C LYS B 238 -22.74 -8.59 -1.65
N GLU B 239 -21.49 -9.07 -1.68
CA GLU B 239 -20.85 -9.46 -2.93
C GLU B 239 -21.28 -10.84 -3.42
N GLY B 240 -21.97 -11.62 -2.61
CA GLY B 240 -22.42 -12.90 -3.13
C GLY B 240 -21.89 -14.11 -2.36
N ILE B 241 -21.07 -13.92 -1.34
CA ILE B 241 -20.64 -15.04 -0.50
C ILE B 241 -21.78 -15.33 0.46
N ASN B 242 -22.32 -16.54 0.36
CA ASN B 242 -23.40 -16.97 1.24
C ASN B 242 -22.88 -17.27 2.66
N VAL B 243 -23.08 -16.32 3.56
CA VAL B 243 -22.65 -16.47 4.96
C VAL B 243 -23.81 -17.03 5.80
N HIS B 244 -23.64 -18.25 6.28
CA HIS B 244 -24.62 -18.85 7.17
C HIS B 244 -24.25 -18.52 8.61
N LYS B 245 -24.95 -17.54 9.18
CA LYS B 245 -24.68 -17.07 10.55
C LYS B 245 -25.39 -17.93 11.57
N LEU B 246 -24.92 -17.89 12.82
CA LEU B 246 -25.52 -18.64 13.90
C LEU B 246 -25.70 -20.12 13.51
N SER B 247 -24.72 -20.68 12.83
CA SER B 247 -24.84 -22.02 12.29
C SER B 247 -23.71 -22.94 12.70
N LYS B 248 -24.04 -24.21 12.86
CA LYS B 248 -23.02 -25.24 12.99
C LYS B 248 -23.45 -26.47 12.21
N ILE B 249 -22.50 -27.05 11.51
CA ILE B 249 -22.72 -28.27 10.78
C ILE B 249 -22.87 -29.39 11.78
N VAL B 250 -23.89 -30.20 11.55
CA VAL B 250 -24.27 -31.24 12.46
C VAL B 250 -24.24 -32.60 11.77
N LYS B 251 -24.15 -32.61 10.46
CA LYS B 251 -24.02 -33.85 9.71
C LYS B 251 -23.66 -33.60 8.24
N VAL B 252 -22.81 -34.47 7.71
CA VAL B 252 -22.43 -34.39 6.32
C VAL B 252 -22.69 -35.75 5.70
N GLU B 253 -23.28 -35.77 4.50
CA GLU B 253 -23.54 -37.01 3.78
C GLU B 253 -23.23 -36.90 2.29
N LYS B 254 -22.92 -38.04 1.67
CA LYS B 254 -22.62 -38.12 0.23
C LYS B 254 -23.84 -38.65 -0.52
N ASN B 255 -24.13 -38.10 -1.70
CA ASN B 255 -25.37 -38.39 -2.46
C ASN B 255 -25.26 -39.50 -3.54
N VAL B 256 -26.40 -39.74 -4.21
CA VAL B 256 -26.63 -40.73 -5.27
C VAL B 256 -25.38 -41.05 -6.09
N THR B 258 -24.26 -39.07 -8.12
CA THR B 258 -24.18 -37.61 -8.08
C THR B 258 -22.91 -37.20 -7.38
N ASP B 259 -22.61 -37.87 -6.28
CA ASP B 259 -21.32 -37.73 -5.59
C ASP B 259 -21.06 -36.41 -4.88
N LYS B 260 -22.09 -35.58 -4.80
CA LYS B 260 -21.98 -34.31 -4.14
C LYS B 260 -22.38 -34.47 -2.70
N LEU B 261 -21.96 -33.53 -1.86
CA LEU B 261 -22.21 -33.59 -0.45
C LEU B 261 -23.50 -32.85 -0.13
N LYS B 262 -24.08 -33.15 1.01
CA LYS B 262 -25.21 -32.41 1.51
C LYS B 262 -24.89 -32.06 2.95
N ILE B 263 -24.87 -30.78 3.26
CA ILE B 263 -24.51 -30.32 4.59
C ILE B 263 -25.76 -30.09 5.40
N HIS B 264 -25.77 -30.62 6.60
CA HIS B 264 -26.92 -30.48 7.48
C HIS B 264 -26.60 -29.57 8.65
N MET B 265 -27.38 -28.52 8.79
CA MET B 265 -27.15 -27.52 9.81
C MET B 265 -28.05 -27.74 11.02
N ASN B 266 -27.69 -27.09 12.13
CA ASN B 266 -28.44 -27.28 13.40
C ASN B 266 -29.75 -26.49 13.52
N ASP B 267 -29.93 -25.52 12.59
CA ASP B 267 -31.13 -24.66 12.45
C ASP B 267 -32.13 -25.34 11.50
N SER B 268 -31.73 -26.56 11.07
CA SER B 268 -32.49 -27.48 10.21
C SER B 268 -32.39 -27.14 8.72
N LYS B 269 -31.61 -26.15 8.46
CA LYS B 269 -31.41 -25.82 7.09
C LYS B 269 -30.28 -26.69 6.55
N SER B 270 -30.13 -26.70 5.24
CA SER B 270 -29.08 -27.46 4.60
C SER B 270 -28.52 -26.74 3.34
N ILE B 271 -27.37 -27.24 2.90
CA ILE B 271 -26.74 -26.81 1.66
C ILE B 271 -26.55 -28.10 0.87
N ASP B 272 -27.20 -28.17 -0.29
CA ASP B 272 -27.20 -29.37 -1.13
C ASP B 272 -26.22 -29.20 -2.30
N ASP B 273 -26.02 -30.28 -3.06
CA ASP B 273 -25.18 -30.26 -4.25
C ASP B 273 -23.82 -29.59 -4.04
N VAL B 274 -23.16 -29.91 -2.94
CA VAL B 274 -21.88 -29.30 -2.63
C VAL B 274 -20.78 -30.16 -3.19
N ASP B 275 -19.87 -29.55 -3.96
CA ASP B 275 -18.76 -30.28 -4.56
C ASP B 275 -17.57 -30.39 -3.63
N GLU B 276 -17.48 -29.48 -2.67
CA GLU B 276 -16.29 -29.43 -1.81
C GLU B 276 -16.60 -28.81 -0.48
N LEU B 277 -16.09 -29.42 0.58
CA LEU B 277 -16.27 -28.92 1.93
C LEU B 277 -14.91 -28.77 2.58
N ILE B 278 -14.61 -27.59 3.10
CA ILE B 278 -13.34 -27.36 3.74
C ILE B 278 -13.53 -26.88 5.18
N TRP B 279 -12.92 -27.61 6.11
CA TRP B 279 -12.94 -27.22 7.51
C TRP B 279 -11.74 -26.32 7.77
N THR B 280 -12.02 -25.11 8.25
CA THR B 280 -10.98 -24.18 8.68
C THR B 280 -11.40 -23.68 10.06
N ILE B 281 -11.41 -24.60 11.01
CA ILE B 281 -11.90 -24.32 12.34
C ILE B 281 -10.80 -24.30 13.39
N GLY B 282 -9.57 -24.02 12.98
CA GLY B 282 -8.48 -23.85 13.90
C GLY B 282 -7.37 -24.82 13.60
N ARG B 283 -6.22 -24.59 14.20
CA ARG B 283 -5.08 -25.50 14.07
C ARG B 283 -4.58 -25.87 15.45
N LYS B 284 -3.95 -27.03 15.56
CA LYS B 284 -3.41 -27.51 16.83
C LYS B 284 -1.93 -27.79 16.64
N SER B 285 -1.23 -27.99 17.75
CA SER B 285 0.21 -28.19 17.70
C SER B 285 0.51 -29.52 17.07
N HIS B 286 1.50 -29.51 16.20
CA HIS B 286 1.95 -30.71 15.52
C HIS B 286 2.95 -31.41 16.44
N LEU B 287 2.43 -32.32 17.26
CA LEU B 287 3.23 -33.09 18.19
C LEU B 287 3.41 -34.46 17.63
N GLY B 288 4.54 -34.74 17.03
CA GLY B 288 4.85 -36.10 16.62
C GLY B 288 6.12 -36.67 17.21
N MET B 289 6.98 -35.80 17.72
CA MET B 289 8.27 -36.25 18.26
C MET B 289 8.07 -37.14 19.46
N GLY B 290 9.17 -37.62 20.03
CA GLY B 290 9.06 -38.40 21.25
C GLY B 290 9.18 -37.44 22.42
N SER B 291 8.41 -36.36 22.42
CA SER B 291 8.58 -35.30 23.39
C SER B 291 8.43 -35.80 24.81
N GLU B 292 7.59 -36.82 24.97
CA GLU B 292 7.34 -37.47 26.26
C GLU B 292 8.60 -38.16 26.80
N ASN B 293 9.44 -38.64 25.89
CA ASN B 293 10.71 -39.27 26.24
C ASN B 293 11.76 -38.34 26.85
N VAL B 294 11.54 -37.02 26.77
CA VAL B 294 12.48 -36.07 27.35
C VAL B 294 11.84 -35.20 28.42
N GLY B 295 10.54 -35.36 28.62
CA GLY B 295 9.83 -34.65 29.67
C GLY B 295 9.32 -33.25 29.35
N ILE B 296 9.17 -32.95 28.06
CA ILE B 296 8.66 -31.65 27.66
C ILE B 296 7.22 -31.48 28.09
N LYS B 297 6.96 -30.45 28.89
CA LYS B 297 5.63 -30.14 29.36
C LYS B 297 4.73 -29.50 28.29
N LEU B 298 3.51 -30.02 28.18
CA LEU B 298 2.48 -29.54 27.27
C LEU B 298 1.42 -28.83 28.09
N ASN B 299 0.71 -27.87 27.50
CA ASN B 299 -0.41 -27.24 28.21
C ASN B 299 -1.70 -28.03 28.03
N SER B 300 -2.81 -27.51 28.50
CA SER B 300 -4.09 -28.18 28.36
C SER B 300 -4.71 -28.14 26.94
N HIS B 301 -3.99 -27.61 25.97
CA HIS B 301 -4.43 -27.58 24.57
C HIS B 301 -3.45 -28.37 23.72
N ASP B 302 -2.67 -29.24 24.36
CA ASP B 302 -1.60 -30.02 23.72
C ASP B 302 -0.64 -29.17 22.90
N GLN B 303 -0.29 -28.01 23.45
CA GLN B 303 0.74 -27.15 22.88
C GLN B 303 1.99 -27.22 23.77
N ILE B 304 3.16 -27.14 23.17
CA ILE B 304 4.39 -27.09 23.94
C ILE B 304 4.49 -25.75 24.69
N ILE B 305 4.83 -25.81 25.98
CA ILE B 305 4.99 -24.59 26.78
C ILE B 305 6.39 -24.08 26.60
N ALA B 306 6.50 -22.75 26.50
CA ALA B 306 7.79 -22.10 26.34
C ALA B 306 7.74 -20.80 27.09
N ASP B 307 8.85 -20.41 27.70
CA ASP B 307 8.91 -19.15 28.41
C ASP B 307 9.22 -18.04 27.42
N GLU B 308 9.42 -16.81 27.92
CA GLU B 308 9.73 -15.66 27.08
C GLU B 308 11.02 -15.77 26.23
N TYR B 309 11.93 -16.69 26.60
CA TYR B 309 13.14 -16.99 25.86
C TYR B 309 13.02 -18.26 25.02
N GLN B 310 11.79 -18.75 24.85
CA GLN B 310 11.53 -19.97 24.11
C GLN B 310 12.11 -21.21 24.78
N ASN B 311 12.34 -21.15 26.07
CA ASN B 311 12.82 -22.29 26.78
C ASN B 311 11.66 -23.22 27.14
N THR B 312 11.80 -24.49 26.86
CA THR B 312 10.79 -25.46 27.34
C THR B 312 11.24 -25.68 28.80
N ASN B 313 10.60 -26.59 29.51
CA ASN B 313 10.99 -26.89 30.88
C ASN B 313 12.25 -27.77 30.92
N VAL B 314 12.65 -28.32 29.77
CA VAL B 314 13.82 -29.18 29.68
C VAL B 314 15.09 -28.43 29.27
N PRO B 315 16.16 -28.55 30.06
CA PRO B 315 17.43 -27.88 29.77
C PRO B 315 17.91 -28.18 28.36
N ASN B 316 18.33 -27.14 27.65
CA ASN B 316 18.84 -27.24 26.29
C ASN B 316 17.82 -27.65 25.23
N ILE B 317 16.54 -27.51 25.55
CA ILE B 317 15.48 -27.76 24.57
C ILE B 317 14.59 -26.52 24.48
N TYR B 318 14.46 -25.99 23.29
CA TYR B 318 13.68 -24.77 23.07
C TYR B 318 12.53 -25.04 22.08
N SER B 319 11.53 -24.18 22.11
CA SER B 319 10.43 -24.31 21.18
C SER B 319 9.82 -22.95 20.87
N LEU B 320 9.31 -22.85 19.65
CA LEU B 320 8.75 -21.59 19.16
C LEU B 320 7.86 -21.84 17.95
N GLY B 321 7.14 -20.80 17.54
CA GLY B 321 6.27 -20.89 16.39
C GLY B 321 4.92 -21.48 16.73
N ASP B 322 4.27 -22.05 15.72
CA ASP B 322 2.94 -22.61 15.89
C ASP B 322 2.85 -23.71 16.92
N VAL B 323 3.87 -24.55 17.03
CA VAL B 323 3.84 -25.62 18.03
C VAL B 323 3.63 -25.09 19.44
N VAL B 324 4.11 -23.89 19.73
CA VAL B 324 3.81 -23.23 21.01
C VAL B 324 2.44 -22.56 20.88
N GLY B 325 2.19 -21.93 19.73
CA GLY B 325 0.88 -21.37 19.42
C GLY B 325 0.66 -19.93 19.84
N LYS B 326 1.72 -19.19 20.16
CA LYS B 326 1.61 -17.77 20.49
C LYS B 326 1.89 -16.89 19.27
N VAL B 327 0.86 -16.20 18.79
CA VAL B 327 0.89 -15.37 17.59
C VAL B 327 1.38 -16.17 16.41
N GLU B 328 0.49 -16.93 15.81
CA GLU B 328 0.80 -17.88 14.75
C GLU B 328 0.96 -17.19 13.39
N LEU B 329 2.13 -16.59 13.18
CA LEU B 329 2.45 -15.91 11.92
C LEU B 329 3.87 -16.26 11.59
N THR B 330 4.19 -16.25 10.30
CA THR B 330 5.52 -16.60 9.84
C THR B 330 6.63 -15.66 10.32
N PRO B 331 6.44 -14.34 10.22
CA PRO B 331 7.47 -13.38 10.68
C PRO B 331 7.81 -13.49 12.14
N VAL B 332 6.83 -13.91 12.94
CA VAL B 332 6.98 -14.05 14.38
C VAL B 332 7.91 -15.22 14.69
N ALA B 333 7.68 -16.35 14.02
CA ALA B 333 8.51 -17.52 14.22
C ALA B 333 9.94 -17.25 13.77
N ILE B 334 10.06 -16.59 12.63
CA ILE B 334 11.34 -16.22 12.09
C ILE B 334 12.09 -15.36 13.10
N ALA B 335 11.42 -14.33 13.61
CA ALA B 335 12.04 -13.43 14.54
C ALA B 335 12.42 -14.14 15.85
N ALA B 336 11.52 -14.95 16.39
CA ALA B 336 11.83 -15.68 17.62
C ALA B 336 12.97 -16.66 17.37
N GLY B 337 12.98 -17.25 16.19
CA GLY B 337 14.01 -18.19 15.80
C GLY B 337 15.37 -17.53 15.76
N ARG B 338 15.41 -16.33 15.18
CA ARG B 338 16.65 -15.58 15.06
C ARG B 338 17.13 -15.08 16.41
N LYS B 339 16.22 -14.60 17.22
CA LYS B 339 16.61 -14.06 18.50
C LYS B 339 17.09 -15.16 19.45
N LEU B 340 16.55 -16.36 19.31
CA LEU B 340 16.98 -17.47 20.13
C LEU B 340 18.41 -17.85 19.77
N SER B 341 18.72 -17.82 18.48
CA SER B 341 20.05 -18.12 18.00
C SER B 341 21.05 -17.02 18.37
N ASN B 342 20.59 -15.76 18.38
CA ASN B 342 21.45 -14.67 18.84
C ASN B 342 21.89 -14.95 20.28
N ARG B 343 20.92 -15.34 21.11
CA ARG B 343 21.12 -15.58 22.52
C ARG B 343 22.01 -16.77 22.82
N LEU B 344 21.81 -17.86 22.10
CA LEU B 344 22.55 -19.08 22.36
C LEU B 344 23.95 -19.08 21.73
N PHE B 345 24.08 -18.45 20.56
CA PHE B 345 25.34 -18.54 19.83
C PHE B 345 25.95 -17.22 19.41
N GLY B 346 25.27 -16.12 19.66
CA GLY B 346 25.73 -14.82 19.21
C GLY B 346 26.66 -14.13 20.19
N PRO B 347 27.02 -12.90 19.88
CA PRO B 347 27.76 -12.03 20.79
C PRO B 347 27.11 -11.89 22.17
N GLU B 348 27.95 -11.58 23.16
CA GLU B 348 27.51 -11.38 24.53
C GLU B 348 26.36 -10.39 24.65
N LYS B 349 26.30 -9.37 23.79
CA LYS B 349 25.22 -8.38 23.89
C LYS B 349 23.80 -8.95 23.63
N PHE B 350 23.70 -10.17 23.11
CA PHE B 350 22.43 -10.81 22.86
C PHE B 350 22.05 -11.88 23.92
N ARG B 351 22.62 -11.81 25.13
CA ARG B 351 22.33 -12.81 26.18
C ARG B 351 20.86 -12.87 26.56
N ASN B 352 20.20 -11.72 26.53
CA ASN B 352 18.81 -11.61 26.95
C ASN B 352 17.86 -11.28 25.81
N ASP B 353 18.28 -11.65 24.60
CA ASP B 353 17.49 -11.33 23.42
C ASP B 353 16.26 -12.21 23.41
N LYS B 354 15.13 -11.57 23.13
CA LYS B 354 13.83 -12.24 23.06
C LYS B 354 12.86 -11.40 22.21
N LEU B 355 11.81 -12.04 21.72
CA LEU B 355 10.86 -11.37 20.85
C LEU B 355 9.76 -10.70 21.66
N ASP B 356 9.46 -9.46 21.32
CA ASP B 356 8.32 -8.76 21.90
C ASP B 356 7.11 -9.22 21.07
N TYR B 357 6.17 -9.93 21.70
CA TYR B 357 5.00 -10.47 21.01
C TYR B 357 3.80 -9.50 20.97
N GLU B 358 3.91 -8.35 21.61
CA GLU B 358 2.83 -7.39 21.58
C GLU B 358 2.97 -6.45 20.41
N ASN B 359 1.82 -6.01 19.92
CA ASN B 359 1.76 -5.06 18.82
C ASN B 359 2.44 -5.59 17.57
N VAL B 360 2.26 -6.87 17.31
CA VAL B 360 2.69 -7.45 16.04
C VAL B 360 1.56 -7.14 15.08
N PRO B 361 1.86 -6.54 13.94
CA PRO B 361 0.80 -6.30 12.96
C PRO B 361 0.48 -7.59 12.21
N SER B 362 -0.75 -7.71 11.74
CA SER B 362 -1.20 -8.83 10.93
C SER B 362 -2.24 -8.37 9.93
N VAL B 363 -2.37 -9.16 8.86
CA VAL B 363 -3.23 -8.85 7.75
C VAL B 363 -4.13 -10.03 7.38
N ILE B 364 -5.31 -9.71 6.84
CA ILE B 364 -6.22 -10.70 6.31
C ILE B 364 -6.37 -10.40 4.81
N PHE B 365 -5.98 -11.36 3.98
CA PHE B 365 -6.12 -11.20 2.55
C PHE B 365 -7.52 -11.61 2.08
N SER B 366 -8.49 -10.97 2.71
CA SER B 366 -9.87 -11.07 2.33
C SER B 366 -10.08 -10.15 1.14
N HIS B 367 -11.33 -10.04 0.72
CA HIS B 367 -11.69 -9.13 -0.33
C HIS B 367 -12.81 -8.21 0.11
N PRO B 368 -12.55 -6.96 0.47
CA PRO B 368 -11.24 -6.31 0.47
C PRO B 368 -10.34 -6.77 1.63
N GLU B 369 -9.04 -6.55 1.48
CA GLU B 369 -8.05 -6.87 2.48
C GLU B 369 -8.28 -6.07 3.77
N ALA B 370 -7.75 -6.58 4.87
CA ALA B 370 -7.87 -5.92 6.16
C ALA B 370 -6.54 -6.05 6.90
N GLY B 371 -6.32 -5.16 7.84
CA GLY B 371 -5.13 -5.19 8.64
C GLY B 371 -5.43 -4.74 10.04
N SER B 372 -4.60 -5.17 11.00
CA SER B 372 -4.80 -4.84 12.39
C SER B 372 -3.50 -4.94 13.20
N ILE B 373 -3.35 -4.02 14.15
CA ILE B 373 -2.26 -4.09 15.09
C ILE B 373 -2.76 -3.51 16.38
N GLY B 374 -2.34 -4.08 17.50
CA GLY B 374 -2.77 -3.59 18.80
C GLY B 374 -4.09 -4.19 19.23
N ILE B 375 -4.75 -3.54 20.17
CA ILE B 375 -5.99 -4.06 20.75
C ILE B 375 -7.23 -3.41 20.15
N SER B 376 -8.34 -4.12 20.26
CA SER B 376 -9.61 -3.62 19.77
C SER B 376 -10.17 -2.57 20.71
N GLU B 377 -11.19 -1.87 20.26
CA GLU B 377 -11.87 -0.86 21.07
C GLU B 377 -12.36 -1.47 22.37
N LYS B 378 -12.93 -2.66 22.27
CA LYS B 378 -13.47 -3.38 23.43
C LYS B 378 -12.38 -3.74 24.42
N GLU B 379 -11.26 -4.25 23.92
CA GLU B 379 -10.14 -4.57 24.78
C GLU B 379 -9.59 -3.29 25.44
N ALA B 380 -9.57 -2.19 24.72
CA ALA B 380 -9.01 -0.93 25.25
C ALA B 380 -9.87 -0.39 26.37
N ILE B 381 -11.18 -0.49 26.23
CA ILE B 381 -12.14 -0.07 27.27
C ILE B 381 -11.99 -0.92 28.52
N GLU B 382 -11.77 -2.22 28.33
CA GLU B 382 -11.57 -3.13 29.44
C GLU B 382 -10.27 -2.83 30.20
N LYS B 383 -9.21 -2.53 29.45
CA LYS B 383 -7.90 -2.34 30.07
C LYS B 383 -7.69 -0.96 30.70
N TYR B 384 -8.22 0.06 30.03
CA TYR B 384 -7.98 1.45 30.46
C TYR B 384 -9.22 2.18 30.96
N GLY B 385 -10.40 1.60 30.75
CA GLY B 385 -11.64 2.25 31.13
C GLY B 385 -12.16 3.21 30.07
N LYS B 386 -13.48 3.21 29.88
CA LYS B 386 -14.16 4.02 28.88
C LYS B 386 -13.67 5.45 28.84
N GLU B 387 -13.64 6.05 30.02
CA GLU B 387 -13.28 7.46 30.22
C GLU B 387 -11.97 7.83 29.55
N ASN B 388 -11.04 6.89 29.47
CA ASN B 388 -9.73 7.12 28.89
C ASN B 388 -9.50 6.63 27.45
N ILE B 389 -10.55 6.17 26.79
CA ILE B 389 -10.43 5.72 25.41
C ILE B 389 -11.05 6.71 24.46
N LYS B 390 -10.27 7.12 23.48
CA LYS B 390 -10.75 7.97 22.41
C LYS B 390 -10.60 7.21 21.10
N VAL B 391 -11.68 7.17 20.32
CA VAL B 391 -11.65 6.46 19.04
C VAL B 391 -11.92 7.39 17.88
N TYR B 392 -11.13 7.21 16.83
CA TYR B 392 -11.26 7.95 15.59
C TYR B 392 -11.63 6.96 14.50
N ASN B 393 -12.64 7.33 13.71
CA ASN B 393 -13.12 6.53 12.58
C ASN B 393 -13.16 7.34 11.31
N SER B 394 -13.06 6.63 10.19
CA SER B 394 -13.15 7.22 8.86
C SER B 394 -13.75 6.18 7.92
N LYS B 395 -14.79 6.59 7.20
CA LYS B 395 -15.52 5.73 6.26
C LYS B 395 -15.52 6.41 4.91
N PHE B 396 -15.04 5.70 3.90
CA PHE B 396 -15.02 6.23 2.56
C PHE B 396 -14.85 5.13 1.50
N THR B 397 -15.04 5.54 0.26
CA THR B 397 -14.85 4.69 -0.91
C THR B 397 -13.65 5.22 -1.67
N ALA B 398 -12.66 4.37 -1.91
CA ALA B 398 -11.47 4.77 -2.62
C ALA B 398 -11.80 5.40 -3.97
N MET B 399 -10.98 6.33 -4.38
CA MET B 399 -11.14 7.01 -5.65
C MET B 399 -11.22 6.05 -6.87
N TYR B 400 -10.56 4.91 -6.77
CA TYR B 400 -10.61 3.90 -7.85
C TYR B 400 -12.04 3.54 -8.27
N TYR B 401 -12.98 3.56 -7.33
CA TYR B 401 -14.40 3.20 -7.60
C TYR B 401 -15.25 4.31 -8.24
N ALA B 402 -14.71 5.52 -8.32
CA ALA B 402 -15.46 6.66 -8.88
C ALA B 402 -15.96 6.39 -10.29
N MET B 403 -15.14 5.69 -11.09
CA MET B 403 -15.48 5.34 -12.46
C MET B 403 -16.34 4.09 -12.58
N LEU B 404 -16.73 3.51 -11.46
CA LEU B 404 -17.40 2.23 -11.47
C LEU B 404 -18.75 2.26 -10.78
N SER B 405 -19.63 1.34 -11.18
CA SER B 405 -20.91 1.17 -10.49
C SER B 405 -20.63 0.30 -9.27
N GLU B 406 -19.72 -0.64 -9.40
CA GLU B 406 -19.48 -1.38 -8.18
C GLU B 406 -18.56 -0.61 -7.27
N LYS B 407 -18.72 -0.90 -6.00
CA LYS B 407 -18.07 -0.17 -4.91
C LYS B 407 -17.46 -1.14 -3.88
N SER B 408 -16.48 -0.63 -3.13
CA SER B 408 -15.86 -1.39 -2.04
C SER B 408 -15.59 -0.39 -0.91
N PRO B 409 -15.75 -0.83 0.33
CA PRO B 409 -15.57 0.05 1.49
C PRO B 409 -14.15 0.14 1.99
N THR B 410 -13.80 1.30 2.51
CA THR B 410 -12.57 1.52 3.27
C THR B 410 -12.99 2.03 4.65
N ARG B 411 -12.46 1.40 5.70
CA ARG B 411 -12.82 1.71 7.07
C ARG B 411 -11.59 1.71 7.96
N TYR B 412 -11.26 2.88 8.50
CA TYR B 412 -10.08 3.05 9.32
C TYR B 412 -10.51 3.36 10.71
N LYS B 413 -9.89 2.71 11.69
CA LYS B 413 -10.21 2.95 13.09
C LYS B 413 -8.93 3.06 13.94
N ILE B 414 -8.73 4.21 14.56
CA ILE B 414 -7.62 4.43 15.47
C ILE B 414 -8.13 4.44 16.92
N VAL B 415 -7.61 3.55 17.73
CA VAL B 415 -8.00 3.49 19.14
C VAL B 415 -6.91 4.08 20.02
N CYS B 416 -7.28 5.12 20.75
CA CYS B 416 -6.34 5.86 21.59
C CYS B 416 -6.65 5.74 23.10
N ALA B 417 -5.60 5.75 23.92
CA ALA B 417 -5.72 5.63 25.36
C ALA B 417 -4.94 6.71 26.08
N GLY B 418 -5.53 7.23 27.16
CA GLY B 418 -4.85 8.18 28.02
C GLY B 418 -5.01 9.60 27.53
N PRO B 419 -4.48 10.54 28.32
CA PRO B 419 -4.62 11.97 28.01
C PRO B 419 -3.74 12.44 26.85
N ASN B 420 -2.71 11.64 26.50
CA ASN B 420 -1.85 11.90 25.36
C ASN B 420 -2.31 11.18 24.09
N GLU B 421 -3.42 10.45 24.20
CA GLU B 421 -4.04 9.74 23.08
C GLU B 421 -3.03 8.80 22.40
N LYS B 422 -2.34 8.02 23.21
CA LYS B 422 -1.43 7.01 22.72
C LYS B 422 -2.23 5.99 21.87
N VAL B 423 -1.73 5.70 20.67
CA VAL B 423 -2.39 4.74 19.78
C VAL B 423 -2.14 3.35 20.31
N VAL B 424 -3.18 2.70 20.77
CA VAL B 424 -3.07 1.34 21.29
C VAL B 424 -3.70 0.32 20.37
N GLY B 425 -4.44 0.80 19.35
CA GLY B 425 -5.00 -0.05 18.31
C GLY B 425 -5.20 0.69 16.98
N LEU B 426 -4.87 0.02 15.87
CA LEU B 426 -5.10 0.53 14.54
C LEU B 426 -5.68 -0.60 13.71
N HIS B 427 -6.89 -0.39 13.19
CA HIS B 427 -7.61 -1.44 12.49
C HIS B 427 -8.18 -0.89 11.20
N ILE B 428 -7.84 -1.53 10.10
CA ILE B 428 -8.21 -1.02 8.80
C ILE B 428 -8.75 -2.08 7.87
N VAL B 429 -9.65 -1.62 7.01
CA VAL B 429 -10.32 -2.43 6.01
C VAL B 429 -10.36 -1.64 4.72
N GLY B 430 -9.99 -2.26 3.62
CA GLY B 430 -10.03 -1.61 2.33
C GLY B 430 -8.84 -1.98 1.47
N ASP B 431 -8.95 -1.67 0.18
CA ASP B 431 -7.84 -1.92 -0.75
C ASP B 431 -6.55 -1.28 -0.25
N SER B 432 -5.45 -1.99 -0.44
CA SER B 432 -4.10 -1.58 -0.05
C SER B 432 -3.75 -1.67 1.44
N SER B 433 -4.69 -2.11 2.29
CA SER B 433 -4.48 -2.19 3.73
C SER B 433 -3.23 -3.01 4.11
N ALA B 434 -3.02 -4.10 3.39
CA ALA B 434 -1.91 -5.01 3.61
C ALA B 434 -0.60 -4.29 3.55
N GLU B 435 -0.45 -3.42 2.56
CA GLU B 435 0.77 -2.66 2.33
C GLU B 435 0.85 -1.35 3.13
N ILE B 436 -0.29 -0.79 3.46
CA ILE B 436 -0.35 0.43 4.25
C ILE B 436 0.12 0.29 5.71
N LEU B 437 -0.22 -0.85 6.32
CA LEU B 437 -0.06 -1.06 7.75
C LEU B 437 1.39 -1.04 8.25
N GLN B 438 2.31 -1.66 7.53
CA GLN B 438 3.70 -1.80 8.00
C GLN B 438 4.29 -0.53 8.61
N GLY B 439 4.25 0.56 7.87
CA GLY B 439 4.84 1.82 8.34
C GLY B 439 4.20 2.29 9.64
N PHE B 440 2.88 2.23 9.71
CA PHE B 440 2.17 2.60 10.91
C PHE B 440 2.56 1.69 12.07
N GLY B 441 2.85 0.43 11.75
CA GLY B 441 3.33 -0.52 12.74
C GLY B 441 4.61 -0.02 13.36
N VAL B 442 5.54 0.47 12.53
CA VAL B 442 6.80 0.99 13.01
C VAL B 442 6.60 2.17 13.95
N ALA B 443 5.64 3.03 13.62
CA ALA B 443 5.37 4.23 14.43
C ALA B 443 4.74 3.86 15.78
N ILE B 444 3.87 2.86 15.77
CA ILE B 444 3.20 2.41 16.98
C ILE B 444 4.22 1.73 17.92
N LYS B 445 5.16 0.99 17.36
CA LYS B 445 6.24 0.42 18.16
C LYS B 445 7.19 1.48 18.71
N MET B 446 7.10 2.70 18.16
CA MET B 446 7.83 3.84 18.67
C MET B 446 7.04 4.62 19.73
N GLY B 447 5.84 4.18 20.04
CA GLY B 447 4.98 4.81 21.05
C GLY B 447 4.19 5.97 20.47
N ALA B 448 3.81 5.88 19.20
CA ALA B 448 3.09 6.93 18.54
C ALA B 448 1.76 7.27 19.20
N THR B 449 1.46 8.56 19.24
CA THR B 449 0.23 9.12 19.75
C THR B 449 -0.54 9.60 18.51
N LYS B 450 -1.78 10.02 18.71
CA LYS B 450 -2.59 10.57 17.65
C LYS B 450 -1.88 11.81 17.07
N ALA B 451 -1.30 12.63 17.93
CA ALA B 451 -0.56 13.81 17.50
C ALA B 451 0.61 13.45 16.57
N ASP B 452 1.21 12.30 16.78
CA ASP B 452 2.27 11.82 15.91
C ASP B 452 1.74 11.46 14.52
N PHE B 453 0.60 10.77 14.45
CA PHE B 453 -0.04 10.44 13.18
C PHE B 453 -0.29 11.72 12.42
N ASP B 454 -0.80 12.73 13.14
CA ASP B 454 -1.11 14.04 12.56
C ASP B 454 0.12 14.83 12.19
N ASN B 455 1.29 14.44 12.68
CA ASN B 455 2.51 15.23 12.46
C ASN B 455 3.27 14.91 11.19
N CYS B 456 2.67 14.13 10.28
CA CYS B 456 3.26 13.86 8.98
C CYS B 456 2.25 14.38 7.99
N VAL B 457 2.74 15.18 7.04
CA VAL B 457 1.91 15.67 5.97
C VAL B 457 1.39 14.49 5.14
N ALA B 458 0.20 14.66 4.60
CA ALA B 458 -0.47 13.62 3.85
C ALA B 458 0.12 13.47 2.48
N ILE B 459 -0.07 12.29 1.90
CA ILE B 459 0.25 12.01 0.50
C ILE B 459 -1.07 11.93 -0.27
N HIS B 460 -1.23 12.78 -1.27
CA HIS B 460 -2.49 12.84 -2.00
C HIS B 460 -2.24 12.57 -3.50
N PRO B 461 -3.10 11.82 -4.17
CA PRO B 461 -4.25 11.09 -3.62
C PRO B 461 -3.91 9.64 -3.27
N THR B 462 -4.23 9.25 -2.05
CA THR B 462 -4.03 7.87 -1.59
C THR B 462 -5.09 7.52 -0.59
N SER B 463 -5.17 6.29 -0.15
CA SER B 463 -6.08 5.89 0.91
C SER B 463 -5.41 6.17 2.24
N ALA B 464 -4.12 5.78 2.36
CA ALA B 464 -3.35 5.89 3.59
C ALA B 464 -3.46 7.29 4.23
N GLU B 465 -3.44 8.27 3.37
CA GLU B 465 -3.59 9.69 3.68
C GLU B 465 -4.65 9.97 4.75
N GLU B 466 -5.75 9.22 4.70
CA GLU B 466 -6.83 9.40 5.66
C GLU B 466 -6.38 9.16 7.09
N LEU B 467 -5.38 8.31 7.29
CA LEU B 467 -4.87 7.98 8.63
C LEU B 467 -4.15 9.13 9.34
N VAL B 468 -3.65 10.09 8.58
CA VAL B 468 -2.93 11.22 9.18
C VAL B 468 -3.73 12.51 9.21
N THR B 469 -5.07 12.41 8.91
CA THR B 469 -6.02 13.56 8.91
C THR B 469 -7.47 13.27 9.42
N MET B 470 -7.58 12.50 10.52
CA MET B 470 -8.90 12.03 11.10
C MET B 470 -9.58 13.05 12.19
N ARG B 471 -11.00 12.92 12.50
CA ARG B 471 -11.99 13.75 13.36
C ARG B 471 -11.37 15.13 13.51
C1 NAG C . 21.72 18.74 -26.61
C2 NAG C . 23.22 18.66 -26.50
C3 NAG C . 23.61 17.93 -25.27
C4 NAG C . 23.00 18.58 -24.05
C5 NAG C . 21.49 18.67 -24.24
C6 NAG C . 20.82 19.41 -23.10
C7 NAG C . 24.50 18.50 -28.52
C8 NAG C . 25.07 17.58 -29.57
N2 NAG C . 23.73 17.92 -27.63
O3 NAG C . 25.02 17.90 -25.15
O4 NAG C . 23.28 17.74 -22.95
O5 NAG C . 21.16 19.38 -25.45
O6 NAG C . 21.44 20.67 -22.88
O7 NAG C . 24.75 19.71 -28.52
P PO4 D . -10.51 21.49 2.46
O1 PO4 D . -11.23 20.34 1.83
O2 PO4 D . -9.03 21.27 2.32
O3 PO4 D . -10.89 22.74 1.77
O4 PO4 D . -10.88 21.61 3.91
PA FAD E . -4.27 25.94 -6.94
O1A FAD E . -4.76 24.65 -6.41
O2A FAD E . -3.58 26.00 -8.25
O5B FAD E . -5.56 26.89 -6.99
C5B FAD E . -5.38 28.28 -7.31
C4B FAD E . -6.73 28.89 -7.72
O4B FAD E . -6.56 30.31 -7.82
C3B FAD E . -7.17 28.39 -9.09
O3B FAD E . -8.47 27.80 -8.99
C2B FAD E . -7.18 29.66 -9.94
O2B FAD E . -8.30 29.63 -10.83
C1B FAD E . -7.44 30.73 -8.88
N9A FAD E . -7.10 32.13 -9.22
C8A FAD E . -5.90 32.55 -9.63
N7A FAD E . -5.90 33.87 -9.75
C5A FAD E . -7.12 34.30 -9.41
C6A FAD E . -7.71 35.57 -9.35
N6A FAD E . -6.99 36.65 -9.66
N1A FAD E . -8.98 35.68 -8.96
C2A FAD E . -9.68 34.60 -8.64
N3A FAD E . -9.15 33.40 -8.69
C4A FAD E . -7.88 33.21 -9.07
N1 FAD E . -0.19 17.51 -5.79
C2 FAD E . -0.35 16.42 -4.94
O2 FAD E . -0.24 16.58 -3.72
N3 FAD E . -0.63 15.15 -5.47
C4 FAD E . -0.74 14.96 -6.85
O4 FAD E . -1.00 13.85 -7.30
C4X FAD E . -0.59 16.06 -7.70
N5 FAD E . -0.67 15.90 -9.09
C5X FAD E . -0.55 17.01 -9.93
C6 FAD E . -0.69 16.85 -11.30
C7 FAD E . -0.62 17.97 -12.13
C7M FAD E . -0.78 17.80 -13.65
C8 FAD E . -0.43 19.23 -11.60
C8M FAD E . -0.37 20.47 -12.51
C9 FAD E . -0.28 19.38 -10.23
C9A FAD E . -0.33 18.27 -9.40
N10 FAD E . -0.17 18.41 -8.02
C10 FAD E . -0.32 17.32 -7.17
C1' FAD E . 0.11 19.75 -7.44
C2' FAD E . -1.14 20.44 -6.88
O2' FAD E . -2.15 20.50 -7.88
C3' FAD E . -0.79 21.83 -6.37
O3' FAD E . 0.34 21.82 -5.52
C4' FAD E . -2.00 22.48 -5.70
O4' FAD E . -3.13 22.51 -6.57
C5' FAD E . -1.70 23.88 -5.15
O5' FAD E . -2.88 24.53 -4.65
P FAD E . -2.88 26.13 -4.45
O1P FAD E . -3.98 26.45 -3.50
O2P FAD E . -1.50 26.58 -4.18
O3P FAD E . -3.28 26.70 -5.91
N1 GSH F . 23.70 6.05 -9.39
CA1 GSH F . 23.45 6.60 -8.06
C1 GSH F . 24.78 7.05 -7.41
O11 GSH F . 25.59 7.52 -8.25
O12 GSH F . 24.96 6.77 -6.25
CB1 GSH F . 22.65 5.78 -7.13
CG1 GSH F . 21.92 4.59 -7.75
CD1 GSH F . 21.19 3.77 -6.74
OE1 GSH F . 21.14 4.19 -5.53
N2 GSH F . 20.78 2.57 -7.05
CA2 GSH F . 20.10 1.67 -6.11
C2 GSH F . 21.01 0.73 -5.39
O2 GSH F . 20.57 -0.35 -4.88
CB2 GSH F . 19.06 0.79 -6.82
SG2 GSH F . 17.56 1.75 -7.19
N3 GSH F . 22.26 1.07 -5.38
CA3 GSH F . 23.11 0.21 -4.57
C3 GSH F . 24.49 0.87 -4.58
O31 GSH F . 24.64 1.95 -5.17
O32 GSH F . 25.35 0.20 -3.97
C1 GOL G . 15.36 18.42 -16.28
O1 GOL G . 16.59 17.49 -16.39
C2 GOL G . 14.60 17.43 -17.17
O2 GOL G . 13.13 17.98 -16.73
C3 GOL G . 14.76 18.30 -18.41
O3 GOL G . 15.13 17.09 -19.26
C1 GOL H . 12.90 23.49 -23.63
O1 GOL H . 13.20 24.50 -22.70
C2 GOL H . 13.80 22.27 -23.53
O2 GOL H . 13.65 21.67 -22.25
C3 GOL H . 13.34 21.36 -24.66
O3 GOL H . 13.98 20.12 -24.65
C1 GOL I . 13.90 -5.51 -15.08
O1 GOL I . 14.58 -4.35 -14.27
C2 GOL I . 12.45 -5.02 -14.64
O2 GOL I . 11.73 -5.63 -16.02
C3 GOL I . 12.24 -6.34 -13.81
O3 GOL I . 12.22 -5.58 -12.45
C1 GOL J . 4.56 36.30 12.92
O1 GOL J . 3.85 36.85 11.83
C2 GOL J . 3.56 35.72 13.95
O2 GOL J . 3.11 34.50 13.21
C3 GOL J . 4.53 35.31 15.05
O3 GOL J . 3.98 35.96 16.22
C1 GOL K . -3.09 27.70 -19.72
O1 GOL K . -2.02 27.61 -18.74
C2 GOL K . -3.44 26.23 -19.95
O2 GOL K . -4.97 26.17 -19.77
C3 GOL K . -3.25 26.22 -21.51
O3 GOL K . -3.21 24.86 -21.99
C1 NAG L . -27.06 -23.49 16.10
C2 NAG L . -28.03 -22.86 17.08
C3 NAG L . -27.63 -21.43 17.37
C4 NAG L . -26.18 -21.38 17.81
C5 NAG L . -25.32 -22.04 16.74
C6 NAG L . -23.85 -22.00 17.07
C7 NAG L . -30.41 -23.42 17.13
C8 NAG L . -30.18 -24.38 18.27
N2 NAG L . -29.36 -22.89 16.50
O3 NAG L . -28.46 -20.92 18.40
O4 NAG L . -25.80 -20.02 17.92
O5 NAG L . -25.71 -23.40 16.54
O6 NAG L . -23.60 -22.31 18.42
O7 NAG L . -31.55 -23.16 16.79
P PO4 M . 14.91 -17.40 6.72
O1 PO4 M . 14.00 -16.92 7.80
O2 PO4 M . 15.02 -18.86 6.77
O3 PO4 M . 14.31 -17.00 5.39
O4 PO4 M . 16.29 -16.83 6.89
PA FAD N . 5.87 -24.54 10.10
O1A FAD N . 6.18 -23.43 9.18
O2A FAD N . 4.52 -25.15 10.10
O5B FAD N . 6.93 -25.70 9.77
C5B FAD N . 7.02 -26.83 10.64
C4B FAD N . 7.79 -27.95 9.93
O4B FAD N . 8.05 -29.03 10.84
C3B FAD N . 6.98 -28.54 8.77
O3B FAD N . 7.73 -28.37 7.56
C2B FAD N . 6.84 -30.02 9.14
O2B FAD N . 7.00 -30.85 7.99
C1B FAD N . 8.06 -30.22 10.05
N9A FAD N . 8.00 -31.35 11.02
C8A FAD N . 7.06 -31.54 11.93
N7A FAD N . 7.38 -32.58 12.70
C5A FAD N . 8.55 -33.05 12.27
C6A FAD N . 9.35 -34.10 12.68
N6A FAD N . 8.98 -34.86 13.70
N1A FAD N . 10.50 -34.33 12.02
C2A FAD N . 10.86 -33.56 11.00
N3A FAD N . 10.11 -32.55 10.59
C4A FAD N . 8.95 -32.26 11.20
N1 FAD N . 1.43 -16.48 8.25
C2 FAD N . 1.78 -15.19 7.82
O2 FAD N . 2.58 -14.54 8.49
N3 FAD N . 1.21 -14.67 6.65
C4 FAD N . 0.27 -15.41 5.92
O4 FAD N . -0.22 -14.95 4.90
C4X FAD N . -0.08 -16.68 6.35
N5 FAD N . -1.03 -17.42 5.65
C5X FAD N . -1.35 -18.71 6.09
C6 FAD N . -2.26 -19.46 5.36
C7 FAD N . -2.56 -20.76 5.75
C7M FAD N . -3.57 -21.57 4.94
C8 FAD N . -1.93 -21.32 6.87
C8M FAD N . -2.25 -22.76 7.26
C9 FAD N . -1.01 -20.58 7.59
C9A FAD N . -0.74 -19.27 7.21
N10 FAD N . 0.14 -18.48 7.95
C10 FAD N . 0.51 -17.21 7.50
C1' FAD N . 0.76 -19.00 9.20
C2' FAD N . 2.17 -19.54 9.00
O2' FAD N . 2.17 -20.51 7.96
C3' FAD N . 2.72 -20.17 10.27
O3' FAD N . 2.58 -19.30 11.39
C4' FAD N . 4.16 -20.62 10.09
O4' FAD N . 4.27 -21.51 8.99
C5' FAD N . 4.73 -21.27 11.35
O5' FAD N . 6.09 -21.68 11.16
P FAD N . 6.72 -22.77 12.17
O1P FAD N . 8.19 -22.77 11.96
O2P FAD N . 6.16 -22.55 13.53
O3P FAD N . 6.18 -24.20 11.64
N1 GSH O . -19.37 -2.06 17.58
CA1 GSH O . -18.06 -2.40 17.88
C1 GSH O . -17.60 -2.05 19.33
O11 GSH O . -18.47 -1.36 19.93
O12 GSH O . -16.90 -2.92 19.75
CB1 GSH O . -17.35 -1.46 16.94
CG1 GSH O . -17.99 -1.33 15.55
CD1 GSH O . -17.24 -0.34 14.70
OE1 GSH O . -16.21 0.15 15.27
N2 GSH O . -17.65 0.11 13.54
CA2 GSH O . -16.91 1.14 12.78
C2 GSH O . -17.28 2.55 13.12
O2 GSH O . -16.51 3.50 12.74
CB2 GSH O . -17.12 1.04 11.26
SG2 GSH O . -16.17 -0.35 10.55
N3 GSH O . -18.38 2.76 13.79
CA3 GSH O . -18.68 4.16 14.06
C3 GSH O . -20.10 4.22 14.64
O31 GSH O . -20.73 3.14 14.71
O32 GSH O . -20.48 5.35 15.00
C1 GOL P . 18.68 -15.82 30.75
O1 GOL P . 18.10 -14.58 31.22
C2 GOL P . 17.62 -16.38 29.80
O2 GOL P . 18.20 -16.33 28.43
C3 GOL P . 17.59 -17.87 30.14
O3 GOL P . 16.50 -18.48 29.46
C1 GOL Q . -17.22 -20.31 13.89
O1 GOL Q . -17.99 -19.12 13.20
C2 GOL Q . -16.03 -19.29 14.11
O2 GOL Q . -15.12 -18.90 13.50
C3 GOL Q . -16.70 -18.88 15.49
O3 GOL Q . -16.86 -17.40 14.87
C1 GOL R . -18.98 -27.17 12.48
O1 GOL R . -20.08 -26.16 12.25
C2 GOL R . -18.69 -26.81 14.01
O2 GOL R . -17.12 -27.48 13.74
C3 GOL R . -18.06 -25.37 13.69
O3 GOL R . -17.50 -24.83 14.87
C1 GOL S . -19.36 -3.69 3.89
O1 GOL S . -19.35 -3.74 5.20
C2 GOL S . -20.47 -2.82 3.22
O2 GOL S . -20.18 -1.61 2.71
C3 GOL S . -20.78 -4.01 2.29
O3 GOL S . -20.23 -3.77 1.05
C1 GOL T . -4.67 -33.48 5.69
O1 GOL T . -5.45 -32.64 4.67
C2 GOL T . -3.55 -32.41 5.82
O2 GOL T . -3.29 -32.63 7.42
C3 GOL T . -2.42 -33.34 5.26
O3 GOL T . -1.83 -32.34 4.26
C1 GOL U . 0.29 -20.70 23.39
O1 GOL U . 0.69 -20.39 22.00
C2 GOL U . -0.42 -19.39 23.64
O2 GOL U . -1.68 -19.97 24.39
C3 GOL U . 0.42 -18.92 24.83
O3 GOL U . 0.37 -17.45 24.59
#